data_3URH
#
_entry.id   3URH
#
_cell.length_a   74.433
_cell.length_b   104.716
_cell.length_c   120.622
_cell.angle_alpha   90.00
_cell.angle_beta   90.00
_cell.angle_gamma   90.00
#
_symmetry.space_group_name_H-M   'P 21 21 21'
#
loop_
_entity.id
_entity.type
_entity.pdbx_description
1 polymer 'Dihydrolipoyl dehydrogenase'
2 non-polymer 'FLAVIN-ADENINE DINUCLEOTIDE'
3 non-polymer 'SULFATE ION'
4 non-polymer 1,2-ETHANEDIOL
5 water water
#
_entity_poly.entity_id   1
_entity_poly.type   'polypeptide(L)'
_entity_poly.pdbx_seq_one_letter_code
;(MSE)HHHHHHSSGVDLGTENLYFQS(MSE)(MSE)AYDLIVIGSGPGGYVCAIKAAQLG(MSE)KVAVVEKRSTYGGTC
LNVGCIPSKALLHASE(MSE)FHQAQHGLEALGVEVANPKLNLQK(MSE)(MSE)AHKDATVKSNVDGVSFLFKKNKIDG
FQGTGKVLGQGKVSVTNEKGEEQVLEAKNVVIATGSDVAGIPGVEVAFDEKTIVSSTGALALEKVPAS(MSE)IVVGGGV
IGLELGSVWARLGAKVTVVEFLDTILGG(MSE)DGEVAKQLQR(MSE)LTKQGIDFKLGAKVTGAVKSGDGAKVTFEPVK
GGEATTLDAEVVLIATGRKPSTDGLGLAKAGVVLDSRGRVEIDRHFQTSIAGVYAIGDVVRGP(MSE)LAHKAEDEGVAV
AEIIAGQAGHVNYDVIPGVVYTQPEVASVGKTEEELKAAGVAYKIGKFPFTANGRARA(MSE)LQTDGFVKILADKETDR
VLGGHIIGFGAGE(MSE)IHEIAVL(MSE)EFGGSSEDLGRTCHAHPT(MSE)SEAVKEAALSTFFKPIH(MSE)
;
_entity_poly.pdbx_strand_id   A,B
#
# COMPACT_ATOMS: atom_id res chain seq x y z
N TYR A 26 11.62 38.22 15.12
CA TYR A 26 11.38 37.12 14.16
C TYR A 26 10.39 37.52 13.10
N ASP A 27 10.43 36.81 11.97
CA ASP A 27 9.39 36.99 10.96
C ASP A 27 8.10 36.28 11.39
N LEU A 28 8.24 35.16 12.08
CA LEU A 28 7.08 34.30 12.48
C LEU A 28 7.38 33.62 13.84
N ILE A 29 6.41 33.64 14.75
CA ILE A 29 6.45 32.86 15.93
C ILE A 29 5.27 31.91 15.81
N VAL A 30 5.55 30.63 15.93
CA VAL A 30 4.49 29.60 16.04
C VAL A 30 4.36 29.24 17.53
N ILE A 31 3.13 29.20 18.07
CA ILE A 31 2.93 28.75 19.44
C ILE A 31 2.35 27.31 19.39
N GLY A 32 3.14 26.31 19.86
CA GLY A 32 3.01 24.77 19.70
C GLY A 32 3.83 24.03 18.65
N SER A 33 4.32 22.81 18.96
CA SER A 33 5.20 22.08 17.96
C SER A 33 4.72 20.69 17.51
N GLY A 34 3.39 20.51 17.65
CA GLY A 34 2.65 19.42 16.99
C GLY A 34 2.77 19.55 15.47
N PRO A 35 2.20 18.58 14.73
CA PRO A 35 2.36 18.53 13.32
C PRO A 35 2.10 19.82 12.60
N GLY A 36 1.04 20.57 12.97
CA GLY A 36 0.66 21.76 12.20
C GLY A 36 1.76 22.81 12.39
N GLY A 37 2.11 23.07 13.64
CA GLY A 37 3.09 24.13 13.95
C GLY A 37 4.50 23.81 13.44
N TYR A 38 4.92 22.57 13.63
CA TYR A 38 6.33 22.22 13.30
C TYR A 38 6.51 22.27 11.79
N VAL A 39 5.49 21.86 11.05
CA VAL A 39 5.54 21.87 9.57
C VAL A 39 5.47 23.31 9.05
N CYS A 40 4.61 24.12 9.71
CA CYS A 40 4.48 25.55 9.42
C CYS A 40 5.84 26.22 9.59
N ALA A 41 6.50 25.96 10.72
CA ALA A 41 7.81 26.51 10.99
C ALA A 41 8.87 26.10 9.91
N ILE A 42 8.88 24.83 9.51
CA ILE A 42 9.83 24.38 8.51
C ILE A 42 9.55 25.04 7.17
N LYS A 43 8.30 25.01 6.72
CA LYS A 43 7.93 25.61 5.43
C LYS A 43 8.31 27.10 5.39
N ALA A 44 7.99 27.85 6.46
CA ALA A 44 8.29 29.26 6.53
C ALA A 44 9.83 29.48 6.47
N ALA A 45 10.58 28.63 7.19
CA ALA A 45 12.04 28.69 7.21
C ALA A 45 12.56 28.48 5.81
N GLN A 46 11.95 27.55 5.08
CA GLN A 46 12.40 27.24 3.68
C GLN A 46 12.05 28.40 2.74
N LEU A 47 10.97 29.14 3.03
CA LEU A 47 10.61 30.30 2.27
C LEU A 47 11.43 31.52 2.70
N GLY A 48 12.44 31.34 3.54
CA GLY A 48 13.43 32.36 3.89
C GLY A 48 13.12 33.16 5.15
N LYS A 50 12.80 33.99 9.28
CA LYS A 50 13.40 33.72 10.55
C LYS A 50 12.28 33.35 11.54
N VAL A 51 12.34 32.13 12.07
CA VAL A 51 11.22 31.52 12.77
C VAL A 51 11.61 31.15 14.19
N ALA A 52 10.67 31.34 15.13
CA ALA A 52 10.68 30.84 16.49
C ALA A 52 9.46 29.97 16.77
N VAL A 53 9.68 28.91 17.50
CA VAL A 53 8.59 28.02 17.90
C VAL A 53 8.62 27.93 19.39
N VAL A 54 7.47 28.24 19.97
CA VAL A 54 7.26 28.30 21.43
C VAL A 54 6.48 27.07 21.87
N GLU A 55 7.08 26.23 22.73
CA GLU A 55 6.43 24.95 23.13
C GLU A 55 6.64 24.63 24.61
N LYS A 56 5.56 24.22 25.30
CA LYS A 56 5.58 23.93 26.74
C LYS A 56 6.37 22.69 26.99
N ARG A 57 6.21 21.74 26.09
CA ARG A 57 6.61 20.35 26.29
C ARG A 57 8.12 20.28 26.13
N SER A 58 8.73 19.34 26.85
CA SER A 58 10.21 19.20 26.86
C SER A 58 10.77 18.58 25.56
N THR A 59 9.84 18.12 24.71
CA THR A 59 10.12 17.56 23.38
C THR A 59 9.22 18.23 22.31
N TYR A 60 9.68 18.21 21.07
CA TYR A 60 8.84 18.65 19.97
C TYR A 60 7.91 17.52 19.55
N GLY A 61 7.03 17.83 18.59
CA GLY A 61 6.24 16.82 17.89
C GLY A 61 4.79 16.84 18.31
N GLY A 62 4.53 17.51 19.45
CA GLY A 62 3.15 17.67 19.95
C GLY A 62 2.42 16.34 20.28
N THR A 63 1.08 16.31 20.12
CA THR A 63 0.28 15.14 20.47
C THR A 63 0.65 13.92 19.66
N CYS A 64 0.55 14.11 18.34
CA CYS A 64 0.80 13.06 17.35
C CYS A 64 2.11 12.29 17.63
N LEU A 65 3.24 12.99 17.57
CA LEU A 65 4.52 12.30 17.76
C LEU A 65 4.82 11.82 19.21
N ASN A 66 4.18 12.42 20.22
CA ASN A 66 4.59 12.14 21.63
C ASN A 66 3.66 11.22 22.33
N VAL A 67 2.36 11.47 22.19
CA VAL A 67 1.30 10.78 22.94
C VAL A 67 0.08 10.41 22.02
N GLY A 68 0.29 10.37 20.68
CA GLY A 68 -0.83 10.15 19.73
C GLY A 68 -0.52 9.15 18.61
N CYS A 69 -0.54 9.61 17.35
CA CYS A 69 -0.39 8.77 16.19
C CYS A 69 0.82 7.88 16.37
N ILE A 70 1.97 8.45 16.68
CA ILE A 70 3.15 7.61 16.59
C ILE A 70 3.16 6.42 17.64
N PRO A 71 3.07 6.74 18.99
CA PRO A 71 3.13 5.62 19.94
C PRO A 71 2.00 4.64 19.69
N SER A 72 0.80 5.15 19.33
CA SER A 72 -0.28 4.16 19.25
C SER A 72 0.02 3.27 18.01
N LYS A 73 0.64 3.85 16.97
CA LYS A 73 0.86 2.99 15.73
C LYS A 73 1.93 1.90 16.08
N ALA A 74 2.86 2.24 16.94
CA ALA A 74 3.88 1.24 17.30
C ALA A 74 3.30 0.09 18.08
N LEU A 75 2.39 0.41 19.01
CA LEU A 75 1.67 -0.65 19.73
C LEU A 75 0.72 -1.40 18.86
N LEU A 76 0.03 -0.69 17.95
CA LEU A 76 -0.87 -1.39 17.03
C LEU A 76 -0.06 -2.39 16.20
N HIS A 77 1.09 -1.95 15.70
CA HIS A 77 1.91 -2.89 14.88
C HIS A 77 2.35 -4.08 15.71
N ALA A 78 2.93 -3.82 16.88
CA ALA A 78 3.45 -4.97 17.68
C ALA A 78 2.35 -5.92 18.16
N SER A 79 1.18 -5.37 18.54
CA SER A 79 0.10 -6.23 18.98
C SER A 79 -0.48 -6.97 17.81
N GLU A 80 -0.48 -6.36 16.66
CA GLU A 80 -0.93 -7.09 15.47
C GLU A 80 0.02 -8.25 15.16
N PHE A 82 1.73 -9.84 17.32
CA PHE A 82 1.45 -10.85 18.39
C PHE A 82 0.25 -11.71 17.97
N HIS A 83 -0.83 -11.02 17.55
CA HIS A 83 -2.01 -11.74 17.09
C HIS A 83 -1.71 -12.66 15.90
N GLN A 84 -1.02 -12.14 14.90
CA GLN A 84 -0.66 -12.95 13.74
C GLN A 84 0.16 -14.17 14.17
N ALA A 85 1.06 -14.03 15.17
CA ALA A 85 1.91 -15.15 15.58
C ALA A 85 1.02 -16.28 16.15
N GLN A 86 -0.05 -15.90 16.82
CA GLN A 86 -1.01 -16.86 17.42
C GLN A 86 -1.91 -17.48 16.39
N HIS A 87 -2.34 -16.73 15.36
CA HIS A 87 -3.46 -17.21 14.48
C HIS A 87 -3.13 -17.25 12.99
N GLY A 88 -2.13 -16.56 12.54
CA GLY A 88 -1.93 -16.40 11.09
C GLY A 88 -0.75 -17.18 10.55
N LEU A 89 -0.09 -18.07 11.35
CA LEU A 89 1.10 -18.68 10.79
C LEU A 89 0.88 -20.14 10.43
N GLU A 90 0.04 -20.84 11.17
CA GLU A 90 -0.03 -22.29 10.97
C GLU A 90 -0.50 -22.65 9.48
N ALA A 91 -1.49 -21.91 8.97
CA ALA A 91 -2.00 -22.16 7.59
C ALA A 91 -0.95 -21.88 6.54
N LEU A 92 0.16 -21.20 6.87
CA LEU A 92 1.27 -20.91 5.96
C LEU A 92 2.38 -21.95 6.05
N GLY A 93 2.20 -22.92 6.95
CA GLY A 93 3.29 -23.90 7.16
C GLY A 93 4.37 -23.42 8.12
N VAL A 94 4.01 -22.46 8.97
CA VAL A 94 5.03 -21.90 9.90
C VAL A 94 4.47 -22.25 11.29
N GLU A 95 5.21 -23.10 12.04
CA GLU A 95 4.70 -23.70 13.26
C GLU A 95 5.43 -23.05 14.40
N VAL A 96 4.72 -22.30 15.23
CA VAL A 96 5.36 -21.70 16.43
C VAL A 96 4.61 -22.15 17.67
N ALA A 97 5.36 -22.29 18.76
CA ALA A 97 4.73 -22.54 20.08
C ALA A 97 3.96 -21.29 20.49
N ASN A 98 2.86 -21.46 21.25
CA ASN A 98 2.04 -20.34 21.76
C ASN A 98 2.91 -19.16 22.05
N PRO A 99 2.67 -18.07 21.32
CA PRO A 99 3.44 -16.86 21.47
C PRO A 99 3.31 -16.36 22.92
N LYS A 100 4.39 -15.82 23.48
CA LYS A 100 4.32 -15.22 24.81
C LYS A 100 4.63 -13.75 24.68
N LEU A 101 4.00 -12.93 25.49
CA LEU A 101 4.19 -11.41 25.39
C LEU A 101 5.21 -10.92 26.36
N ASN A 102 6.19 -10.13 25.94
CA ASN A 102 7.05 -9.47 26.85
C ASN A 102 6.63 -7.97 26.76
N LEU A 103 5.73 -7.59 27.63
CA LEU A 103 5.10 -6.25 27.44
C LEU A 103 6.15 -5.16 27.56
N GLN A 104 7.08 -5.30 28.50
CA GLN A 104 8.13 -4.28 28.59
C GLN A 104 8.95 -4.12 27.35
N LYS A 105 9.22 -5.22 26.65
CA LYS A 105 9.97 -5.15 25.43
C LYS A 105 9.13 -4.41 24.35
N ALA A 108 9.24 -0.87 25.01
CA ALA A 108 10.51 -0.24 24.61
C ALA A 108 10.48 0.06 23.07
N HIS A 109 9.85 -0.79 22.28
CA HIS A 109 9.69 -0.51 20.84
C HIS A 109 8.92 0.81 20.65
N LYS A 110 7.81 0.93 21.38
CA LYS A 110 6.96 2.14 21.34
C LYS A 110 7.84 3.39 21.68
N ASP A 111 8.55 3.33 22.82
CA ASP A 111 9.47 4.42 23.20
C ASP A 111 10.54 4.75 22.19
N ALA A 112 11.18 3.74 21.63
CA ALA A 112 12.28 3.99 20.67
C ALA A 112 11.65 4.72 19.43
N THR A 113 10.42 4.34 19.06
CA THR A 113 9.73 4.92 17.84
C THR A 113 9.42 6.37 18.17
N VAL A 114 8.95 6.62 19.39
CA VAL A 114 8.68 8.03 19.77
C VAL A 114 10.01 8.81 19.74
N LYS A 115 11.00 8.27 20.39
CA LYS A 115 12.25 9.01 20.38
C LYS A 115 12.80 9.32 18.98
N SER A 116 12.75 8.37 18.01
CA SER A 116 13.13 8.65 16.62
C SER A 116 12.37 9.84 16.08
N ASN A 117 11.09 9.86 16.35
CA ASN A 117 10.27 10.88 15.72
C ASN A 117 10.54 12.25 16.33
N VAL A 118 10.66 12.30 17.65
CA VAL A 118 10.98 13.54 18.42
C VAL A 118 12.37 14.11 18.06
N ASP A 119 13.35 13.22 17.93
CA ASP A 119 14.67 13.62 17.52
C ASP A 119 14.70 14.08 16.08
N GLY A 120 13.93 13.45 15.24
CA GLY A 120 13.82 13.90 13.84
C GLY A 120 13.33 15.35 13.71
N VAL A 121 12.34 15.78 14.51
CA VAL A 121 11.89 17.16 14.56
C VAL A 121 13.02 18.11 15.01
N SER A 122 13.67 17.73 16.09
CA SER A 122 14.76 18.47 16.59
C SER A 122 15.84 18.67 15.52
N PHE A 123 16.20 17.59 14.83
CA PHE A 123 17.20 17.71 13.75
C PHE A 123 16.72 18.66 12.64
N LEU A 124 15.43 18.58 12.27
CA LEU A 124 14.87 19.47 11.25
C LEU A 124 14.86 20.93 11.67
N PHE A 125 14.61 21.22 12.96
CA PHE A 125 14.65 22.62 13.42
C PHE A 125 16.10 23.14 13.33
N LYS A 126 17.06 22.28 13.62
CA LYS A 126 18.47 22.71 13.58
C LYS A 126 18.93 22.89 12.12
N LYS A 127 18.64 21.92 11.27
CA LYS A 127 18.87 22.10 9.83
C LYS A 127 18.30 23.39 9.26
N ASN A 128 17.11 23.79 9.74
CA ASN A 128 16.41 24.91 9.13
C ASN A 128 16.61 26.20 9.91
N LYS A 129 17.48 26.16 10.92
CA LYS A 129 17.76 27.29 11.80
C LYS A 129 16.48 27.91 12.37
N ILE A 130 15.66 27.07 13.01
CA ILE A 130 14.44 27.52 13.63
C ILE A 130 14.80 27.61 15.08
N ASP A 131 14.42 28.68 15.75
CA ASP A 131 14.76 28.84 17.16
C ASP A 131 13.62 28.35 18.01
N GLY A 132 13.94 27.51 18.98
CA GLY A 132 12.99 26.87 19.86
C GLY A 132 13.05 27.56 21.18
N PHE A 133 11.89 27.70 21.80
CA PHE A 133 11.71 28.35 23.09
C PHE A 133 10.86 27.50 23.94
N GLN A 134 11.39 27.07 25.08
CA GLN A 134 10.60 26.28 25.99
C GLN A 134 9.81 27.14 26.99
N GLY A 135 8.52 26.88 27.12
CA GLY A 135 7.66 27.58 28.01
C GLY A 135 6.25 27.77 27.44
N THR A 136 5.42 28.45 28.22
CA THR A 136 4.05 28.81 27.82
C THR A 136 4.00 30.16 27.06
N GLY A 137 3.47 30.12 25.84
CA GLY A 137 3.35 31.31 25.05
C GLY A 137 1.99 31.97 25.22
N LYS A 138 2.00 33.29 25.12
CA LYS A 138 0.78 34.00 25.21
C LYS A 138 0.75 35.05 24.15
N VAL A 139 -0.37 35.16 23.44
CA VAL A 139 -0.50 36.12 22.34
C VAL A 139 -0.76 37.52 22.96
N LEU A 140 0.10 38.51 22.70
CA LEU A 140 -0.13 39.81 23.34
C LEU A 140 -0.92 40.71 22.45
N GLY A 141 -0.77 40.54 21.16
CA GLY A 141 -1.51 41.35 20.24
C GLY A 141 -0.64 42.08 19.27
N GLN A 142 0.24 42.94 19.75
CA GLN A 142 0.76 44.00 18.85
C GLN A 142 2.04 43.51 18.21
N GLY A 143 1.96 42.37 17.53
CA GLY A 143 3.16 41.63 17.11
C GLY A 143 4.02 41.12 18.26
N LYS A 144 3.46 40.92 19.44
CA LYS A 144 4.26 40.40 20.56
C LYS A 144 3.72 39.10 21.18
N VAL A 145 4.61 38.29 21.74
CA VAL A 145 4.26 36.99 22.32
C VAL A 145 5.10 36.87 23.57
N SER A 146 4.48 36.60 24.72
CA SER A 146 5.31 36.30 25.89
C SER A 146 5.52 34.81 26.04
N VAL A 147 6.74 34.47 26.46
CA VAL A 147 7.09 33.10 26.75
C VAL A 147 7.40 33.03 28.26
N THR A 148 6.82 32.06 28.97
CA THR A 148 7.19 31.87 30.35
C THR A 148 7.61 30.42 30.55
N ASN A 149 8.86 30.22 30.95
CA ASN A 149 9.33 28.87 31.27
C ASN A 149 8.99 28.48 32.70
N GLU A 150 8.97 27.16 32.95
CA GLU A 150 8.65 26.58 34.27
C GLU A 150 9.47 27.22 35.41
N LYS A 151 10.75 27.55 35.16
CA LYS A 151 11.59 28.32 36.11
C LYS A 151 11.01 29.71 36.47
N GLY A 152 9.98 30.18 35.77
CA GLY A 152 9.25 31.39 36.16
C GLY A 152 9.53 32.61 35.33
N GLU A 153 10.71 32.67 34.70
CA GLU A 153 11.02 33.88 33.94
C GLU A 153 10.42 33.96 32.53
N GLU A 154 10.18 35.20 32.15
CA GLU A 154 9.48 35.55 30.95
C GLU A 154 10.39 36.27 29.96
N GLN A 155 10.01 36.20 28.70
CA GLN A 155 10.64 36.97 27.68
C GLN A 155 9.58 37.38 26.71
N VAL A 156 9.64 38.62 26.22
CA VAL A 156 8.75 39.05 25.15
C VAL A 156 9.42 38.88 23.80
N LEU A 157 8.78 38.15 22.88
CA LEU A 157 9.33 38.08 21.51
C LEU A 157 8.49 38.88 20.60
N GLU A 158 9.07 39.25 19.48
CA GLU A 158 8.34 40.15 18.60
C GLU A 158 8.37 39.53 17.25
N ALA A 159 7.25 39.61 16.55
CA ALA A 159 7.20 39.11 15.20
C ALA A 159 6.07 39.70 14.46
N LYS A 160 6.31 39.84 13.15
CA LYS A 160 5.30 40.32 12.24
C LYS A 160 4.11 39.38 12.12
N ASN A 161 4.33 38.07 12.31
CA ASN A 161 3.21 37.10 12.22
C ASN A 161 3.29 36.08 13.34
N VAL A 162 2.12 35.68 13.87
CA VAL A 162 1.98 34.71 14.91
C VAL A 162 1.01 33.64 14.39
N VAL A 163 1.40 32.37 14.53
CA VAL A 163 0.49 31.22 14.19
C VAL A 163 0.25 30.47 15.50
N ILE A 164 -1.02 30.34 15.82
CA ILE A 164 -1.48 29.55 16.96
C ILE A 164 -1.65 28.11 16.45
N ALA A 165 -0.95 27.18 17.08
CA ALA A 165 -0.95 25.77 16.64
C ALA A 165 -0.90 24.94 17.92
N THR A 166 -1.78 25.31 18.86
CA THR A 166 -1.79 24.62 20.17
C THR A 166 -2.52 23.30 20.24
N GLY A 167 -3.20 22.88 19.17
CA GLY A 167 -3.71 21.52 19.18
C GLY A 167 -4.95 21.30 20.01
N SER A 168 -5.06 20.08 20.57
CA SER A 168 -6.26 19.65 21.22
C SER A 168 -5.92 19.01 22.58
N ASP A 169 -6.94 18.78 23.40
CA ASP A 169 -6.78 18.10 24.68
C ASP A 169 -7.82 17.01 24.73
N VAL A 170 -7.59 16.05 25.63
CA VAL A 170 -8.60 15.01 25.88
C VAL A 170 -9.88 15.62 26.44
N ALA A 171 -11.03 15.12 26.01
CA ALA A 171 -12.28 15.56 26.60
C ALA A 171 -12.76 14.58 27.68
N GLY A 172 -13.73 15.02 28.50
CA GLY A 172 -14.38 14.12 29.42
C GLY A 172 -15.71 13.63 28.88
N ILE A 173 -16.62 13.35 29.80
CA ILE A 173 -17.92 12.84 29.41
C ILE A 173 -18.93 13.95 29.74
N PRO A 174 -19.77 14.36 28.75
CA PRO A 174 -20.69 15.48 28.99
C PRO A 174 -21.65 15.16 30.15
N GLY A 175 -21.73 16.05 31.13
CA GLY A 175 -22.61 15.86 32.31
C GLY A 175 -22.09 14.96 33.41
N VAL A 176 -21.01 14.22 33.16
CA VAL A 176 -20.43 13.27 34.15
C VAL A 176 -19.09 13.76 34.69
N GLU A 177 -18.92 13.79 36.01
CA GLU A 177 -17.64 14.14 36.54
C GLU A 177 -16.66 12.90 36.51
N VAL A 178 -15.43 13.11 36.10
CA VAL A 178 -14.52 12.00 35.89
C VAL A 178 -13.16 12.44 36.31
N ALA A 179 -12.51 11.64 37.15
CA ALA A 179 -11.24 12.00 37.66
C ALA A 179 -10.20 11.12 36.94
N PHE A 180 -9.39 11.69 36.07
CA PHE A 180 -8.38 10.91 35.37
C PHE A 180 -7.25 10.66 36.38
N ASP A 181 -6.95 9.42 36.68
CA ASP A 181 -5.75 9.13 37.46
C ASP A 181 -4.65 8.49 36.58
N GLU A 182 -4.99 8.11 35.35
CA GLU A 182 -4.01 7.53 34.41
C GLU A 182 -3.42 6.11 34.73
N LYS A 183 -4.00 5.42 35.72
CA LYS A 183 -3.71 4.00 35.92
C LYS A 183 -5.02 3.15 35.85
N THR A 184 -6.09 3.65 36.44
CA THR A 184 -7.41 2.98 36.39
C THR A 184 -8.36 3.71 35.48
N ILE A 185 -8.58 5.03 35.69
CA ILE A 185 -9.37 5.84 34.77
C ILE A 185 -8.33 6.61 33.98
N VAL A 186 -8.24 6.29 32.68
CA VAL A 186 -7.11 6.74 31.91
C VAL A 186 -7.61 7.47 30.65
N SER A 187 -6.76 8.29 30.08
CA SER A 187 -7.04 8.88 28.76
C SER A 187 -6.12 8.08 27.83
N SER A 188 -5.95 8.51 26.61
CA SER A 188 -5.10 7.73 25.65
C SER A 188 -3.69 7.77 26.16
N THR A 189 -3.31 8.85 26.83
CA THR A 189 -1.98 8.92 27.43
C THR A 189 -1.67 7.80 28.43
N GLY A 190 -2.56 7.55 29.39
CA GLY A 190 -2.40 6.42 30.34
C GLY A 190 -2.56 5.06 29.61
N ALA A 191 -3.45 5.00 28.63
CA ALA A 191 -3.68 3.74 28.00
C ALA A 191 -2.49 3.28 27.13
N LEU A 192 -1.62 4.18 26.71
CA LEU A 192 -0.41 3.84 25.93
C LEU A 192 0.65 3.34 26.82
N ALA A 193 0.48 3.53 28.12
CA ALA A 193 1.61 3.23 29.01
C ALA A 193 1.21 2.32 30.23
N LEU A 194 0.12 1.52 30.12
CA LEU A 194 -0.31 0.67 31.24
C LEU A 194 0.87 -0.25 31.63
N GLU A 195 0.97 -0.55 32.94
CA GLU A 195 2.07 -1.34 33.46
C GLU A 195 1.88 -2.80 33.20
N LYS A 196 0.65 -3.25 33.01
CA LYS A 196 0.39 -4.67 32.76
C LYS A 196 -0.82 -4.76 31.85
N VAL A 197 -1.05 -5.90 31.17
CA VAL A 197 -2.26 -6.09 30.40
C VAL A 197 -3.37 -6.16 31.43
N PRO A 198 -4.39 -5.30 31.30
CA PRO A 198 -5.50 -5.39 32.25
C PRO A 198 -6.29 -6.66 31.98
N ALA A 199 -6.88 -7.24 33.01
CA ALA A 199 -7.77 -8.34 32.75
C ALA A 199 -8.98 -7.89 31.89
N SER A 200 -9.42 -6.65 32.08
CA SER A 200 -10.62 -6.16 31.45
C SER A 200 -10.48 -4.67 31.33
N ILE A 202 -12.76 -1.13 29.85
CA ILE A 202 -13.93 -0.49 29.20
C ILE A 202 -13.46 0.74 28.44
N VAL A 203 -13.86 0.87 27.18
CA VAL A 203 -13.54 2.03 26.38
C VAL A 203 -14.80 2.86 26.21
N VAL A 204 -14.82 4.06 26.79
CA VAL A 204 -15.90 4.97 26.56
C VAL A 204 -15.59 5.86 25.33
N GLY A 205 -16.35 5.60 24.25
CA GLY A 205 -16.12 6.25 22.92
C GLY A 205 -15.69 5.24 21.85
N GLY A 206 -16.54 5.04 20.85
CA GLY A 206 -16.23 4.15 19.76
C GLY A 206 -15.76 4.92 18.53
N GLY A 207 -15.00 5.98 18.75
CA GLY A 207 -14.32 6.70 17.66
C GLY A 207 -12.93 6.07 17.40
N VAL A 208 -12.10 6.77 16.64
CA VAL A 208 -10.87 6.13 16.13
C VAL A 208 -9.97 5.76 17.28
N ILE A 209 -9.80 6.67 18.22
CA ILE A 209 -8.82 6.45 19.26
C ILE A 209 -9.27 5.28 20.19
N GLY A 210 -10.53 5.28 20.59
CA GLY A 210 -11.08 4.14 21.39
C GLY A 210 -10.93 2.77 20.72
N LEU A 211 -11.29 2.70 19.47
CA LEU A 211 -11.21 1.37 18.80
C LEU A 211 -9.76 0.95 18.58
N GLU A 212 -8.86 1.91 18.28
CA GLU A 212 -7.47 1.51 18.09
C GLU A 212 -6.88 1.04 19.43
N LEU A 213 -7.06 1.82 20.49
CA LEU A 213 -6.45 1.39 21.78
C LEU A 213 -7.15 0.20 22.32
N GLY A 214 -8.44 0.10 22.09
CA GLY A 214 -9.15 -1.07 22.61
C GLY A 214 -8.69 -2.28 21.80
N SER A 215 -8.39 -2.16 20.49
CA SER A 215 -7.79 -3.36 19.79
C SER A 215 -6.43 -3.76 20.35
N VAL A 216 -5.58 -2.81 20.57
CA VAL A 216 -4.25 -3.06 21.18
C VAL A 216 -4.41 -4.01 22.42
N TRP A 217 -5.18 -3.52 23.39
CA TRP A 217 -5.28 -4.30 24.65
C TRP A 217 -6.04 -5.61 24.52
N ALA A 218 -7.08 -5.66 23.65
CA ALA A 218 -7.82 -6.89 23.34
C ALA A 218 -6.86 -7.92 22.73
N ARG A 219 -6.00 -7.51 21.78
CA ARG A 219 -4.97 -8.41 21.28
C ARG A 219 -4.00 -9.01 22.33
N LEU A 220 -3.60 -8.18 23.29
CA LEU A 220 -2.67 -8.56 24.31
C LEU A 220 -3.31 -9.36 25.47
N GLY A 221 -4.65 -9.48 25.48
CA GLY A 221 -5.32 -10.38 26.39
C GLY A 221 -6.35 -9.74 27.29
N ALA A 222 -6.58 -8.45 27.16
CA ALA A 222 -7.71 -7.82 27.88
C ALA A 222 -9.09 -8.14 27.31
N LYS A 223 -10.06 -8.34 28.18
CA LYS A 223 -11.44 -8.37 27.77
C LYS A 223 -11.98 -6.98 27.61
N VAL A 224 -12.29 -6.62 26.37
CA VAL A 224 -12.56 -5.20 26.05
C VAL A 224 -14.03 -5.02 25.64
N THR A 225 -14.71 -4.05 26.23
CA THR A 225 -16.08 -3.65 25.84
C THR A 225 -16.04 -2.15 25.48
N VAL A 226 -16.69 -1.77 24.40
CA VAL A 226 -16.68 -0.40 23.94
C VAL A 226 -18.11 0.09 24.16
N VAL A 227 -18.23 1.23 24.84
CA VAL A 227 -19.56 1.78 25.15
C VAL A 227 -19.62 3.11 24.40
N GLU A 228 -20.65 3.28 23.60
CA GLU A 228 -20.70 4.41 22.63
C GLU A 228 -22.15 5.00 22.67
N PHE A 229 -22.21 6.33 22.72
CA PHE A 229 -23.47 7.11 22.70
C PHE A 229 -24.31 6.87 21.39
N LEU A 230 -23.69 7.06 20.24
CA LEU A 230 -24.34 6.74 18.96
C LEU A 230 -24.67 5.27 18.71
N ASP A 231 -25.60 5.07 17.80
CA ASP A 231 -26.00 3.73 17.42
C ASP A 231 -24.93 2.99 16.56
N THR A 232 -23.82 3.65 16.24
CA THR A 232 -22.80 3.10 15.30
C THR A 232 -21.45 3.63 15.79
N ILE A 233 -20.41 2.93 15.46
CA ILE A 233 -19.02 3.33 15.79
C ILE A 233 -18.48 4.28 14.72
N LEU A 234 -17.42 5.01 15.05
CA LEU A 234 -16.73 5.88 14.11
C LEU A 234 -17.62 7.13 13.76
N GLY A 235 -17.04 8.26 13.34
CA GLY A 235 -17.79 9.56 13.49
C GLY A 235 -18.86 9.65 12.47
N GLY A 236 -18.64 10.53 11.54
CA GLY A 236 -19.43 10.48 10.39
C GLY A 236 -18.59 9.75 9.37
N ASP A 238 -18.12 6.55 6.73
CA ASP A 238 -19.18 5.88 5.90
C ASP A 238 -19.85 4.73 6.71
N GLY A 239 -21.20 4.70 6.74
CA GLY A 239 -21.91 3.81 7.65
C GLY A 239 -21.63 2.37 7.39
N GLU A 240 -21.60 1.98 6.12
CA GLU A 240 -21.39 0.58 5.77
C GLU A 240 -20.02 0.08 6.21
N VAL A 241 -19.03 0.92 5.99
CA VAL A 241 -17.66 0.54 6.39
C VAL A 241 -17.56 0.42 7.92
N ALA A 242 -18.11 1.38 8.64
CA ALA A 242 -18.12 1.29 10.09
C ALA A 242 -18.86 0.05 10.59
N LYS A 243 -20.00 -0.28 9.98
CA LYS A 243 -20.73 -1.49 10.44
C LYS A 243 -19.91 -2.76 10.20
N GLN A 244 -19.21 -2.81 9.06
CA GLN A 244 -18.36 -3.96 8.74
C GLN A 244 -17.17 -4.03 9.72
N LEU A 245 -16.61 -2.88 10.03
CA LEU A 245 -15.52 -2.86 11.04
C LEU A 245 -16.07 -3.40 12.40
N GLN A 246 -17.25 -2.93 12.79
CA GLN A 246 -17.85 -3.41 14.05
C GLN A 246 -18.00 -4.94 14.08
N ARG A 247 -18.45 -5.51 12.98
CA ARG A 247 -18.67 -6.93 12.84
C ARG A 247 -17.37 -7.67 13.01
N LEU A 249 -14.48 -6.57 14.46
CA LEU A 249 -13.92 -6.33 15.80
C LEU A 249 -14.70 -7.22 16.86
N THR A 250 -16.01 -7.41 16.63
CA THR A 250 -16.83 -8.32 17.47
C THR A 250 -16.29 -9.76 17.34
N LYS A 251 -15.99 -10.25 16.12
CA LYS A 251 -15.31 -11.53 15.93
C LYS A 251 -13.94 -11.63 16.60
N GLN A 252 -13.22 -10.54 16.69
CA GLN A 252 -12.00 -10.50 17.43
C GLN A 252 -12.22 -10.47 18.99
N GLY A 253 -13.46 -10.53 19.48
CA GLY A 253 -13.71 -10.64 20.93
C GLY A 253 -13.97 -9.31 21.62
N ILE A 254 -14.18 -8.23 20.88
CA ILE A 254 -14.54 -6.94 21.50
C ILE A 254 -16.06 -6.89 21.58
N ASP A 255 -16.57 -6.52 22.74
CA ASP A 255 -18.02 -6.38 22.94
C ASP A 255 -18.43 -4.93 22.74
N PHE A 256 -19.58 -4.66 22.12
CA PHE A 256 -19.99 -3.29 21.90
C PHE A 256 -21.32 -3.04 22.66
N LYS A 257 -21.44 -1.90 23.31
CA LYS A 257 -22.70 -1.43 23.88
C LYS A 257 -22.93 -0.07 23.19
N LEU A 258 -23.75 -0.07 22.14
CA LEU A 258 -23.99 1.11 21.29
C LEU A 258 -25.36 1.68 21.73
N GLY A 259 -25.56 2.97 21.45
CA GLY A 259 -26.72 3.76 21.91
C GLY A 259 -26.74 3.82 23.43
N ALA A 260 -25.57 4.02 24.04
CA ALA A 260 -25.48 3.85 25.48
C ALA A 260 -24.95 5.12 26.09
N LYS A 261 -25.71 5.61 27.07
CA LYS A 261 -25.35 6.90 27.67
C LYS A 261 -24.67 6.58 28.97
N VAL A 262 -23.36 6.86 29.04
CA VAL A 262 -22.59 6.69 30.27
C VAL A 262 -23.00 7.73 31.33
N THR A 263 -23.40 7.29 32.52
CA THR A 263 -23.78 8.29 33.58
C THR A 263 -22.78 8.28 34.71
N GLY A 264 -21.79 7.39 34.69
CA GLY A 264 -20.81 7.33 35.78
C GLY A 264 -19.59 6.51 35.40
N ALA A 265 -18.40 6.98 35.77
CA ALA A 265 -17.19 6.18 35.55
C ALA A 265 -16.21 6.49 36.67
N VAL A 266 -16.10 5.59 37.66
CA VAL A 266 -15.36 5.90 38.93
C VAL A 266 -14.52 4.72 39.34
N LYS A 267 -13.35 4.98 39.88
CA LYS A 267 -12.63 3.97 40.66
C LYS A 267 -13.53 3.28 41.69
N SER A 268 -13.38 1.97 41.81
CA SER A 268 -14.18 1.22 42.74
C SER A 268 -13.29 0.10 43.19
N GLY A 269 -12.76 0.21 44.41
CA GLY A 269 -11.92 -0.87 44.94
C GLY A 269 -10.59 -0.93 44.20
N ASP A 270 -10.36 -2.04 43.49
CA ASP A 270 -9.11 -2.26 42.71
C ASP A 270 -9.25 -1.90 41.20
N GLY A 271 -10.50 -1.73 40.79
CA GLY A 271 -10.83 -1.47 39.40
C GLY A 271 -11.69 -0.25 39.31
N ALA A 272 -12.65 -0.31 38.39
CA ALA A 272 -13.52 0.83 38.17
C ALA A 272 -14.87 0.30 37.86
N LYS A 273 -15.81 1.20 38.00
CA LYS A 273 -17.19 0.93 37.66
C LYS A 273 -17.69 1.93 36.67
N VAL A 274 -18.32 1.41 35.62
CA VAL A 274 -18.93 2.26 34.62
C VAL A 274 -20.43 1.98 34.60
N THR A 275 -21.20 3.07 34.76
CA THR A 275 -22.67 3.07 34.66
C THR A 275 -23.20 3.71 33.39
N PHE A 276 -24.11 3.03 32.72
CA PHE A 276 -24.70 3.52 31.48
C PHE A 276 -26.14 3.06 31.38
N GLU A 277 -26.92 3.81 30.63
CA GLU A 277 -28.28 3.40 30.27
C GLU A 277 -28.55 3.68 28.79
N PRO A 278 -29.58 3.00 28.20
CA PRO A 278 -29.91 3.28 26.80
C PRO A 278 -30.12 4.76 26.62
N VAL A 279 -29.62 5.31 25.51
CA VAL A 279 -29.69 6.73 25.24
C VAL A 279 -31.17 7.18 25.15
N LYS A 280 -32.00 6.30 24.58
CA LYS A 280 -33.39 6.59 24.38
C LYS A 280 -34.19 6.34 25.64
N GLY A 281 -33.51 6.06 26.76
CA GLY A 281 -34.15 5.76 28.06
C GLY A 281 -34.28 4.27 28.32
N GLY A 282 -34.22 3.88 29.58
CA GLY A 282 -34.37 2.46 29.97
C GLY A 282 -33.55 2.19 31.23
N GLU A 283 -33.57 0.95 31.68
CA GLU A 283 -32.87 0.59 32.89
C GLU A 283 -31.31 0.68 32.74
N ALA A 284 -30.65 1.28 33.74
CA ALA A 284 -29.19 1.30 33.85
C ALA A 284 -28.46 -0.06 34.07
N THR A 285 -27.21 -0.13 33.60
CA THR A 285 -26.34 -1.29 33.75
C THR A 285 -25.05 -0.83 34.39
N THR A 286 -24.46 -1.63 35.24
CA THR A 286 -23.12 -1.27 35.70
C THR A 286 -22.18 -2.34 35.22
N LEU A 287 -21.04 -1.93 34.66
CA LEU A 287 -19.97 -2.78 34.33
C LEU A 287 -18.70 -2.51 35.12
N ASP A 288 -18.04 -3.59 35.56
CA ASP A 288 -16.81 -3.54 36.30
C ASP A 288 -15.68 -3.74 35.29
N ALA A 289 -14.56 -3.06 35.46
CA ALA A 289 -13.30 -3.36 34.69
C ALA A 289 -12.13 -2.87 35.45
N GLU A 290 -10.97 -3.46 35.16
CA GLU A 290 -9.77 -3.02 35.80
C GLU A 290 -9.31 -1.66 35.33
N VAL A 291 -9.59 -1.34 34.04
CA VAL A 291 -9.18 -0.05 33.49
C VAL A 291 -10.34 0.52 32.67
N VAL A 292 -10.55 1.84 32.75
CA VAL A 292 -11.53 2.50 31.87
C VAL A 292 -10.79 3.54 31.08
N LEU A 293 -10.80 3.39 29.73
CA LEU A 293 -10.22 4.43 28.85
C LEU A 293 -11.33 5.40 28.44
N ILE A 294 -11.17 6.69 28.72
CA ILE A 294 -12.17 7.67 28.23
C ILE A 294 -11.61 8.23 26.90
N ALA A 295 -12.29 7.99 25.80
CA ALA A 295 -11.80 8.41 24.46
C ALA A 295 -12.99 9.03 23.71
N THR A 296 -13.53 10.08 24.33
CA THR A 296 -14.64 10.82 23.67
C THR A 296 -13.99 11.84 22.69
N GLY A 297 -14.75 12.60 21.93
CA GLY A 297 -14.02 13.60 21.05
C GLY A 297 -13.05 14.61 21.73
N ARG A 298 -11.85 14.77 21.21
CA ARG A 298 -10.93 15.80 21.70
C ARG A 298 -11.46 17.24 21.48
N LYS A 299 -10.90 18.20 22.20
CA LYS A 299 -11.39 19.61 22.09
C LYS A 299 -10.22 20.56 21.86
N PRO A 300 -10.47 21.71 21.18
CA PRO A 300 -9.41 22.67 20.92
C PRO A 300 -8.75 23.07 22.20
N SER A 301 -7.46 23.28 22.13
CA SER A 301 -6.74 23.67 23.31
C SER A 301 -6.34 25.16 23.22
N THR A 302 -7.03 26.01 23.99
CA THR A 302 -6.82 27.47 23.96
C THR A 302 -6.37 28.11 25.30
N ASP A 303 -6.60 27.41 26.40
CA ASP A 303 -6.31 27.94 27.72
C ASP A 303 -4.87 28.37 27.84
N GLY A 304 -4.62 29.57 28.36
CA GLY A 304 -3.24 29.98 28.49
C GLY A 304 -2.64 30.89 27.42
N LEU A 305 -3.37 31.13 26.33
CA LEU A 305 -2.82 31.86 25.22
C LEU A 305 -3.15 33.35 25.34
N GLY A 306 -3.94 33.71 26.36
CA GLY A 306 -4.43 35.08 26.56
C GLY A 306 -5.31 35.59 25.44
N LEU A 307 -6.07 34.68 24.77
CA LEU A 307 -6.82 35.11 23.59
C LEU A 307 -7.94 36.17 23.83
N ALA A 308 -8.69 36.01 24.92
CA ALA A 308 -9.75 37.00 25.27
C ALA A 308 -9.13 38.42 25.32
N LYS A 309 -8.07 38.59 26.12
CA LYS A 309 -7.39 39.89 26.21
C LYS A 309 -6.83 40.40 24.89
N ALA A 310 -6.33 39.48 24.05
CA ALA A 310 -5.74 39.85 22.79
C ALA A 310 -6.79 40.22 21.74
N GLY A 311 -8.04 39.88 21.96
CA GLY A 311 -9.09 40.11 20.98
C GLY A 311 -9.17 38.99 19.89
N VAL A 312 -8.69 37.79 20.19
CA VAL A 312 -8.85 36.63 19.23
C VAL A 312 -10.13 35.91 19.58
N VAL A 313 -11.06 35.99 18.67
CA VAL A 313 -12.42 35.48 18.87
C VAL A 313 -12.49 33.94 18.73
N LEU A 314 -13.24 33.27 19.62
CA LEU A 314 -13.48 31.80 19.52
C LEU A 314 -14.92 31.55 18.98
N ASP A 315 -15.19 30.44 18.31
CA ASP A 315 -16.56 30.13 17.92
C ASP A 315 -17.26 29.42 19.07
N SER A 316 -18.47 28.91 18.87
CA SER A 316 -19.25 28.35 19.99
C SER A 316 -18.75 27.00 20.49
N ARG A 317 -17.90 26.34 19.68
CA ARG A 317 -17.24 25.13 20.17
C ARG A 317 -15.84 25.35 20.72
N GLY A 318 -15.48 26.62 20.93
CA GLY A 318 -14.18 26.89 21.53
C GLY A 318 -13.02 26.90 20.50
N ARG A 319 -13.33 26.80 19.20
CA ARG A 319 -12.27 26.87 18.16
C ARG A 319 -11.88 28.31 17.91
N VAL A 320 -10.61 28.56 17.56
CA VAL A 320 -10.20 29.89 17.11
C VAL A 320 -10.93 30.14 15.81
N GLU A 321 -11.70 31.23 15.75
CA GLU A 321 -12.34 31.53 14.52
C GLU A 321 -11.38 32.10 13.47
N ILE A 322 -11.45 31.58 12.22
CA ILE A 322 -10.56 31.97 11.14
C ILE A 322 -11.30 32.18 9.82
N ASP A 323 -10.75 33.05 8.98
CA ASP A 323 -11.23 33.14 7.58
C ASP A 323 -10.58 32.04 6.71
N ARG A 324 -10.76 32.14 5.40
CA ARG A 324 -10.20 31.15 4.50
C ARG A 324 -8.69 31.32 4.32
N HIS A 325 -8.14 32.43 4.80
CA HIS A 325 -6.70 32.61 4.79
C HIS A 325 -6.11 32.28 6.15
N PHE A 326 -6.88 31.58 7.00
CA PHE A 326 -6.35 31.22 8.37
C PHE A 326 -6.14 32.40 9.33
N GLN A 327 -6.65 33.58 9.01
CA GLN A 327 -6.47 34.75 9.89
C GLN A 327 -7.56 34.82 10.92
N THR A 328 -7.17 35.12 12.16
CA THR A 328 -8.10 35.24 13.27
C THR A 328 -8.71 36.65 13.17
N SER A 329 -9.53 37.00 14.17
CA SER A 329 -10.08 38.32 14.30
C SER A 329 -8.99 39.44 14.43
N ILE A 330 -7.72 39.11 14.69
CA ILE A 330 -6.66 40.08 14.90
C ILE A 330 -5.64 40.04 13.79
N ALA A 331 -5.34 41.20 13.19
CA ALA A 331 -4.34 41.19 12.08
C ALA A 331 -2.99 40.60 12.50
N GLY A 332 -2.42 39.76 11.61
CA GLY A 332 -1.08 39.21 11.82
C GLY A 332 -1.12 37.98 12.70
N VAL A 333 -2.31 37.59 13.14
CA VAL A 333 -2.39 36.36 13.98
C VAL A 333 -3.31 35.34 13.28
N TYR A 334 -2.79 34.14 13.14
CA TYR A 334 -3.33 33.08 12.33
C TYR A 334 -3.50 31.86 13.21
N ALA A 335 -4.32 30.90 12.75
CA ALA A 335 -4.51 29.68 13.54
C ALA A 335 -4.74 28.48 12.61
N ILE A 336 -4.26 27.33 13.02
CA ILE A 336 -4.30 26.12 12.17
C ILE A 336 -4.48 24.89 13.02
N GLY A 337 -4.70 23.75 12.34
CA GLY A 337 -4.69 22.45 13.03
C GLY A 337 -5.92 22.19 13.91
N ASP A 338 -5.70 21.49 15.03
CA ASP A 338 -6.85 20.95 15.81
C ASP A 338 -7.54 22.09 16.56
N VAL A 339 -6.86 23.22 16.66
CA VAL A 339 -7.50 24.38 17.36
C VAL A 339 -8.48 25.17 16.48
N VAL A 340 -8.56 24.87 15.17
CA VAL A 340 -9.57 25.47 14.30
C VAL A 340 -10.51 24.41 13.73
N ARG A 341 -11.52 24.85 12.98
CA ARG A 341 -12.52 23.93 12.36
C ARG A 341 -11.91 22.87 11.35
N GLY A 342 -12.68 21.84 11.02
CA GLY A 342 -12.22 20.79 10.06
C GLY A 342 -11.72 19.57 10.79
N PRO A 343 -11.42 18.52 10.03
CA PRO A 343 -11.10 17.24 10.68
C PRO A 343 -9.86 17.35 11.59
N LEU A 345 -6.95 15.96 12.35
CA LEU A 345 -6.05 14.93 11.82
C LEU A 345 -4.71 15.56 11.62
N ALA A 346 -3.67 14.78 11.86
CA ALA A 346 -2.31 15.36 11.81
C ALA A 346 -2.01 15.94 10.45
N HIS A 347 -2.41 15.21 9.41
CA HIS A 347 -2.04 15.64 8.08
C HIS A 347 -2.85 16.79 7.62
N LYS A 348 -4.08 16.91 8.10
CA LYS A 348 -4.85 18.16 7.86
C LYS A 348 -4.12 19.36 8.49
N ALA A 349 -3.72 19.24 9.75
CA ALA A 349 -2.98 20.27 10.43
C ALA A 349 -1.65 20.61 9.65
N GLU A 350 -0.92 19.61 9.22
CA GLU A 350 0.34 19.91 8.40
C GLU A 350 0.03 20.65 7.11
N ASP A 351 -1.00 20.25 6.43
CA ASP A 351 -1.36 20.94 5.16
C ASP A 351 -1.75 22.41 5.46
N GLU A 352 -2.46 22.59 6.57
CA GLU A 352 -2.74 24.02 6.98
C GLU A 352 -1.47 24.76 7.33
N GLY A 353 -0.53 24.08 7.98
CA GLY A 353 0.79 24.71 8.35
C GLY A 353 1.48 25.17 7.09
N VAL A 354 1.49 24.29 6.07
CA VAL A 354 2.13 24.70 4.80
C VAL A 354 1.39 25.87 4.15
N ALA A 355 0.09 25.80 4.07
CA ALA A 355 -0.71 26.92 3.48
C ALA A 355 -0.47 28.26 4.16
N VAL A 356 -0.44 28.26 5.49
CA VAL A 356 -0.29 29.56 6.18
C VAL A 356 1.08 30.09 6.03
N ALA A 357 2.09 29.22 6.01
CA ALA A 357 3.42 29.72 5.74
C ALA A 357 3.48 30.40 4.34
N GLU A 358 2.94 29.72 3.33
CA GLU A 358 2.90 30.22 1.97
C GLU A 358 2.10 31.53 1.95
N ILE A 359 0.91 31.52 2.57
CA ILE A 359 0.16 32.80 2.72
C ILE A 359 0.98 33.95 3.33
N ILE A 360 1.64 33.73 4.45
CA ILE A 360 2.44 34.74 5.11
C ILE A 360 3.57 35.19 4.17
N ALA A 361 4.20 34.28 3.41
CA ALA A 361 5.23 34.68 2.45
C ALA A 361 4.68 35.37 1.20
N GLY A 362 3.36 35.55 1.11
CA GLY A 362 2.74 36.20 -0.03
C GLY A 362 2.31 35.33 -1.21
N GLN A 363 2.28 34.02 -1.08
CA GLN A 363 1.66 33.18 -2.11
C GLN A 363 0.29 32.79 -1.55
N ALA A 364 -0.68 32.53 -2.39
CA ALA A 364 -1.92 32.00 -1.85
C ALA A 364 -1.61 30.53 -1.49
N GLY A 365 -2.06 30.07 -0.35
CA GLY A 365 -1.90 28.67 0.02
C GLY A 365 -3.27 28.04 -0.02
N HIS A 366 -3.35 26.75 -0.37
CA HIS A 366 -4.61 26.08 -0.49
C HIS A 366 -4.58 24.74 0.16
N VAL A 367 -5.67 24.37 0.81
CA VAL A 367 -5.79 23.04 1.36
C VAL A 367 -7.04 22.52 0.59
N ASN A 368 -6.98 21.33 -0.01
CA ASN A 368 -8.19 20.83 -0.64
C ASN A 368 -9.03 20.04 0.33
N TYR A 369 -10.01 20.73 0.93
CA TYR A 369 -10.79 20.10 1.99
C TYR A 369 -11.69 18.96 1.48
N ASP A 370 -11.83 18.86 0.17
CA ASP A 370 -12.64 17.74 -0.38
C ASP A 370 -11.83 16.45 -0.53
N VAL A 371 -10.49 16.51 -0.37
CA VAL A 371 -9.66 15.29 -0.56
C VAL A 371 -8.65 15.27 0.58
N ILE A 372 -9.17 14.89 1.74
CA ILE A 372 -8.35 14.61 2.86
C ILE A 372 -8.67 13.19 3.31
N PRO A 373 -7.67 12.27 3.20
CA PRO A 373 -7.97 10.85 3.56
C PRO A 373 -8.08 10.72 5.10
N GLY A 374 -8.77 9.68 5.60
CA GLY A 374 -8.80 9.45 7.04
C GLY A 374 -8.52 7.97 7.20
N VAL A 375 -7.75 7.58 8.23
CA VAL A 375 -7.40 6.14 8.34
C VAL A 375 -7.65 5.66 9.76
N VAL A 376 -8.17 4.46 9.94
CA VAL A 376 -8.32 3.87 11.24
C VAL A 376 -7.40 2.65 11.22
N TYR A 377 -6.41 2.62 12.16
CA TYR A 377 -5.36 1.56 12.11
C TYR A 377 -5.71 0.29 12.92
N THR A 378 -6.94 -0.15 12.78
CA THR A 378 -7.38 -1.45 13.31
C THR A 378 -6.91 -2.48 12.26
N GLN A 379 -7.16 -3.72 12.53
CA GLN A 379 -7.13 -4.75 11.49
C GLN A 379 -8.54 -5.40 11.53
N PRO A 380 -9.30 -5.32 10.39
CA PRO A 380 -8.88 -4.70 9.12
C PRO A 380 -8.69 -3.18 9.26
N GLU A 381 -7.78 -2.61 8.46
CA GLU A 381 -7.57 -1.15 8.46
C GLU A 381 -8.73 -0.51 7.68
N VAL A 382 -9.13 0.71 8.03
CA VAL A 382 -10.24 1.42 7.34
C VAL A 382 -9.60 2.69 6.78
N ALA A 383 -9.93 3.01 5.55
CA ALA A 383 -9.50 4.29 5.01
C ALA A 383 -10.60 4.88 4.13
N SER A 384 -10.70 6.22 4.12
CA SER A 384 -11.76 6.89 3.32
C SER A 384 -11.15 8.16 2.75
N VAL A 385 -11.72 8.64 1.62
CA VAL A 385 -11.43 9.96 1.12
C VAL A 385 -12.71 10.39 0.41
N GLY A 386 -12.98 11.68 0.45
CA GLY A 386 -14.09 12.25 -0.26
C GLY A 386 -15.39 11.96 0.53
N LYS A 387 -16.52 11.92 -0.20
CA LYS A 387 -17.85 11.81 0.49
C LYS A 387 -18.21 10.45 0.96
N THR A 388 -19.00 10.40 2.01
CA THR A 388 -19.61 9.12 2.40
C THR A 388 -21.01 8.97 1.80
N GLU A 389 -21.56 7.76 1.85
CA GLU A 389 -22.92 7.56 1.33
C GLU A 389 -23.87 8.45 2.09
N GLU A 390 -23.69 8.56 3.39
CA GLU A 390 -24.64 9.38 4.18
C GLU A 390 -24.62 10.82 3.71
N GLU A 391 -23.41 11.38 3.52
CA GLU A 391 -23.32 12.75 3.01
C GLU A 391 -23.95 12.93 1.59
N LEU A 392 -23.77 11.96 0.70
CA LEU A 392 -24.34 12.12 -0.66
C LEU A 392 -25.89 12.07 -0.54
N LYS A 393 -26.41 11.08 0.21
CA LYS A 393 -27.89 10.98 0.39
C LYS A 393 -28.40 12.26 1.02
N ALA A 394 -27.76 12.71 2.08
CA ALA A 394 -28.15 13.94 2.73
C ALA A 394 -28.11 15.15 1.78
N ALA A 395 -27.27 15.09 0.75
CA ALA A 395 -27.19 16.23 -0.18
C ALA A 395 -28.12 16.09 -1.38
N GLY A 396 -28.85 14.99 -1.46
CA GLY A 396 -29.68 14.64 -2.54
C GLY A 396 -28.91 14.38 -3.81
N VAL A 397 -27.68 13.87 -3.71
CA VAL A 397 -26.92 13.58 -4.93
C VAL A 397 -27.14 12.17 -5.44
N ALA A 398 -27.54 11.99 -6.70
CA ALA A 398 -27.70 10.68 -7.20
C ALA A 398 -26.33 10.06 -7.55
N TYR A 399 -26.04 8.90 -7.02
CA TYR A 399 -24.70 8.30 -7.26
C TYR A 399 -24.74 6.85 -7.54
N LYS A 400 -23.63 6.31 -8.07
CA LYS A 400 -23.49 4.91 -8.35
C LYS A 400 -22.46 4.34 -7.34
N ILE A 401 -22.58 3.07 -7.01
CA ILE A 401 -21.73 2.37 -6.08
C ILE A 401 -21.03 1.23 -6.85
N GLY A 402 -19.71 1.09 -6.71
CA GLY A 402 -19.07 -0.14 -7.15
C GLY A 402 -18.31 -0.69 -5.92
N LYS A 403 -18.31 -2.00 -5.72
CA LYS A 403 -17.62 -2.64 -4.57
C LYS A 403 -16.96 -3.86 -5.06
N PHE A 404 -15.77 -4.16 -4.56
CA PHE A 404 -15.10 -5.38 -4.94
C PHE A 404 -14.44 -5.97 -3.66
N PRO A 405 -14.66 -7.28 -3.34
CA PRO A 405 -14.20 -7.81 -2.06
C PRO A 405 -12.80 -8.37 -2.16
N PHE A 406 -12.01 -8.25 -1.07
CA PHE A 406 -10.70 -8.89 -1.14
C PHE A 406 -10.70 -10.43 -1.28
N THR A 407 -11.85 -11.10 -1.05
CA THR A 407 -11.90 -12.55 -1.24
C THR A 407 -11.72 -12.88 -2.71
N ALA A 408 -12.05 -11.94 -3.59
CA ALA A 408 -11.84 -12.15 -5.03
C ALA A 408 -10.47 -11.63 -5.55
N ASN A 409 -9.55 -11.29 -4.67
CA ASN A 409 -8.28 -10.70 -5.12
C ASN A 409 -7.16 -11.70 -4.92
N GLY A 410 -6.30 -11.84 -5.94
CA GLY A 410 -5.24 -12.86 -5.91
C GLY A 410 -4.18 -12.64 -4.82
N ARG A 411 -3.69 -11.40 -4.69
CA ARG A 411 -2.69 -11.13 -3.67
C ARG A 411 -3.31 -11.34 -2.26
N ALA A 412 -4.54 -10.84 -1.99
CA ALA A 412 -5.20 -10.99 -0.66
C ALA A 412 -5.23 -12.51 -0.31
N ARG A 413 -5.57 -13.33 -1.32
CA ARG A 413 -5.64 -14.79 -1.13
C ARG A 413 -4.27 -15.39 -0.77
N ALA A 414 -3.23 -14.94 -1.47
CA ALA A 414 -1.86 -15.47 -1.20
C ALA A 414 -1.39 -15.07 0.18
N LEU A 416 -3.42 -14.53 2.75
CA LEU A 416 -4.51 -14.81 3.70
C LEU A 416 -5.02 -13.52 4.37
N GLN A 417 -5.26 -12.49 3.55
CA GLN A 417 -5.73 -11.24 4.12
C GLN A 417 -6.91 -10.89 3.28
N THR A 418 -7.95 -11.70 3.34
CA THR A 418 -9.05 -11.52 2.43
C THR A 418 -10.24 -10.73 3.01
N ASP A 419 -10.20 -10.23 4.25
CA ASP A 419 -11.34 -9.49 4.83
C ASP A 419 -11.53 -8.16 4.06
N GLY A 420 -12.80 -7.74 3.90
CA GLY A 420 -13.14 -6.36 3.55
C GLY A 420 -13.30 -6.12 2.03
N PHE A 421 -13.29 -4.84 1.62
CA PHE A 421 -13.63 -4.55 0.24
C PHE A 421 -13.20 -3.14 -0.08
N VAL A 422 -13.30 -2.74 -1.34
CA VAL A 422 -13.16 -1.37 -1.73
C VAL A 422 -14.51 -0.97 -2.25
N LYS A 423 -14.95 0.23 -1.89
CA LYS A 423 -16.15 0.80 -2.47
C LYS A 423 -15.79 2.14 -3.10
N ILE A 424 -16.28 2.41 -4.31
CA ILE A 424 -16.11 3.67 -4.97
C ILE A 424 -17.52 4.27 -5.16
N LEU A 425 -17.70 5.54 -4.89
CA LEU A 425 -18.95 6.25 -5.13
C LEU A 425 -18.72 7.23 -6.25
N ALA A 426 -19.64 7.32 -7.24
CA ALA A 426 -19.37 8.18 -8.42
C ALA A 426 -20.67 8.84 -8.79
N ASP A 427 -20.53 10.04 -9.36
CA ASP A 427 -21.74 10.84 -9.65
C ASP A 427 -22.56 10.09 -10.73
N LYS A 428 -23.89 10.06 -10.60
CA LYS A 428 -24.70 9.30 -11.58
C LYS A 428 -24.56 9.79 -12.98
N GLU A 429 -24.54 11.09 -13.14
CA GLU A 429 -24.56 11.70 -14.46
C GLU A 429 -23.17 11.80 -15.08
N THR A 430 -22.14 12.14 -14.30
CA THR A 430 -20.85 12.49 -14.89
C THR A 430 -19.79 11.37 -14.64
N ASP A 431 -20.09 10.39 -13.77
CA ASP A 431 -19.16 9.30 -13.43
C ASP A 431 -17.97 9.85 -12.64
N ARG A 432 -18.06 11.10 -12.19
CA ARG A 432 -16.91 11.68 -11.45
C ARG A 432 -16.80 10.90 -10.10
N VAL A 433 -15.59 10.52 -9.66
CA VAL A 433 -15.58 9.80 -8.33
C VAL A 433 -15.84 10.84 -7.24
N LEU A 434 -16.73 10.56 -6.31
CA LEU A 434 -17.04 11.50 -5.29
C LEU A 434 -16.47 11.08 -3.91
N GLY A 435 -16.10 9.81 -3.77
CA GLY A 435 -15.59 9.23 -2.50
C GLY A 435 -15.10 7.79 -2.76
N GLY A 436 -14.14 7.34 -1.92
CA GLY A 436 -13.70 5.93 -1.98
C GLY A 436 -13.45 5.50 -0.54
N HIS A 437 -13.66 4.19 -0.25
CA HIS A 437 -13.64 3.75 1.15
C HIS A 437 -13.15 2.34 1.07
N ILE A 438 -12.19 1.99 1.92
CA ILE A 438 -11.53 0.73 1.82
C ILE A 438 -11.52 0.14 3.17
N ILE A 439 -11.93 -1.12 3.31
CA ILE A 439 -11.65 -1.79 4.56
C ILE A 439 -10.87 -3.08 4.27
N GLY A 440 -9.72 -3.23 4.88
CA GLY A 440 -8.89 -4.35 4.57
C GLY A 440 -7.42 -4.03 4.73
N PHE A 441 -6.58 -5.00 4.50
CA PHE A 441 -5.12 -4.88 4.79
C PHE A 441 -4.48 -3.82 3.92
N GLY A 442 -3.76 -2.90 4.53
CA GLY A 442 -3.05 -1.82 3.81
C GLY A 442 -4.03 -0.76 3.25
N ALA A 443 -5.28 -0.77 3.69
CA ALA A 443 -6.25 0.30 3.28
C ALA A 443 -5.63 1.69 3.32
N GLY A 444 -4.90 2.02 4.40
CA GLY A 444 -4.43 3.43 4.52
C GLY A 444 -3.33 3.80 3.58
N GLU A 445 -2.72 2.81 2.92
CA GLU A 445 -1.78 3.11 1.83
C GLU A 445 -2.58 3.26 0.55
N ILE A 447 -5.55 4.04 -0.24
CA ILE A 447 -6.50 5.10 -0.42
C ILE A 447 -5.86 6.21 -1.24
N HIS A 448 -4.52 6.36 -1.23
CA HIS A 448 -3.92 7.50 -1.88
C HIS A 448 -4.10 7.47 -3.38
N GLU A 449 -4.23 6.29 -3.98
CA GLU A 449 -4.46 6.33 -5.46
C GLU A 449 -5.83 6.96 -5.74
N ILE A 450 -6.76 6.73 -4.82
CA ILE A 450 -8.05 7.40 -4.98
C ILE A 450 -7.99 8.90 -4.65
N ALA A 451 -7.18 9.29 -3.64
CA ALA A 451 -6.97 10.77 -3.38
C ALA A 451 -6.39 11.45 -4.64
N VAL A 452 -5.37 10.85 -5.26
CA VAL A 452 -4.76 11.42 -6.44
C VAL A 452 -5.79 11.52 -7.61
N LEU A 453 -6.54 10.45 -7.80
CA LEU A 453 -7.60 10.44 -8.85
C LEU A 453 -8.54 11.64 -8.62
N GLU A 455 -8.02 14.48 -7.07
CA GLU A 455 -7.41 15.76 -7.28
C GLU A 455 -7.58 16.18 -8.75
N PHE A 456 -7.51 15.22 -9.64
CA PHE A 456 -7.74 15.46 -11.09
C PHE A 456 -9.22 15.44 -11.56
N GLY A 457 -10.16 15.29 -10.63
CA GLY A 457 -11.59 15.18 -11.01
C GLY A 457 -11.83 13.94 -11.80
N GLY A 458 -11.09 12.88 -11.49
CA GLY A 458 -11.16 11.70 -12.30
C GLY A 458 -12.47 11.00 -12.25
N SER A 459 -12.78 10.30 -13.34
CA SER A 459 -14.00 9.50 -13.31
C SER A 459 -13.78 8.05 -12.81
N SER A 460 -14.85 7.28 -12.54
CA SER A 460 -14.57 5.89 -12.15
C SER A 460 -13.99 5.15 -13.32
N GLU A 461 -14.40 5.57 -14.52
CA GLU A 461 -13.82 4.96 -15.75
C GLU A 461 -12.32 5.19 -15.82
N ASP A 462 -11.92 6.42 -15.51
CA ASP A 462 -10.50 6.76 -15.66
C ASP A 462 -9.70 5.87 -14.71
N LEU A 463 -10.23 5.69 -13.49
CA LEU A 463 -9.51 4.87 -12.45
C LEU A 463 -9.47 3.42 -12.89
N GLY A 464 -10.60 2.94 -13.39
CA GLY A 464 -10.72 1.55 -13.73
C GLY A 464 -9.91 1.24 -14.97
N ARG A 465 -9.63 2.25 -15.78
CA ARG A 465 -8.82 1.96 -16.96
C ARG A 465 -7.30 2.11 -16.72
N THR A 466 -6.89 2.56 -15.55
CA THR A 466 -5.48 2.75 -15.26
C THR A 466 -4.92 1.35 -15.02
N CYS A 467 -3.77 1.05 -15.60
CA CYS A 467 -3.16 -0.32 -15.47
C CYS A 467 -2.72 -0.49 -14.01
N HIS A 468 -3.21 -1.55 -13.35
CA HIS A 468 -2.71 -1.93 -11.98
C HIS A 468 -1.97 -3.21 -12.02
N ALA A 469 -0.86 -3.28 -11.28
CA ALA A 469 0.00 -4.46 -11.41
C ALA A 469 -0.78 -5.68 -10.92
N HIS A 470 -0.58 -6.87 -11.51
CA HIS A 470 -1.18 -8.10 -10.95
C HIS A 470 -0.12 -9.00 -10.46
N PRO A 471 -0.24 -9.63 -9.25
CA PRO A 471 -1.32 -9.57 -8.28
C PRO A 471 -0.98 -8.53 -7.21
N THR A 472 -1.86 -7.54 -7.07
CA THR A 472 -1.67 -6.59 -5.95
C THR A 472 -3.08 -6.40 -5.32
N SER A 474 -4.16 -3.62 -4.68
CA SER A 474 -4.67 -2.39 -5.36
C SER A 474 -5.55 -2.72 -6.56
N GLU A 475 -5.42 -3.92 -7.13
CA GLU A 475 -6.37 -4.31 -8.20
C GLU A 475 -7.81 -4.24 -7.78
N ALA A 476 -8.13 -4.43 -6.50
CA ALA A 476 -9.50 -4.29 -6.03
C ALA A 476 -10.03 -2.86 -6.18
N VAL A 477 -9.15 -1.86 -6.08
CA VAL A 477 -9.57 -0.44 -6.31
C VAL A 477 -9.92 -0.33 -7.83
N LYS A 478 -9.07 -0.85 -8.73
CA LYS A 478 -9.43 -0.79 -10.19
C LYS A 478 -10.76 -1.52 -10.45
N GLU A 479 -10.89 -2.76 -9.94
CA GLU A 479 -12.13 -3.54 -10.11
C GLU A 479 -13.37 -2.87 -9.54
N ALA A 480 -13.26 -2.28 -8.36
CA ALA A 480 -14.37 -1.53 -7.79
C ALA A 480 -14.77 -0.39 -8.67
N ALA A 481 -13.76 0.30 -9.19
CA ALA A 481 -14.02 1.44 -10.10
C ALA A 481 -14.71 0.95 -11.39
N LEU A 482 -14.25 -0.15 -11.99
CA LEU A 482 -14.94 -0.74 -13.17
C LEU A 482 -16.39 -1.13 -12.88
N SER A 483 -16.66 -1.63 -11.66
CA SER A 483 -18.01 -2.04 -11.28
C SER A 483 -18.89 -0.83 -11.16
N THR A 484 -18.31 0.31 -10.79
CA THR A 484 -19.08 1.54 -10.61
C THR A 484 -19.42 2.07 -12.03
N PHE A 485 -18.47 1.90 -12.96
CA PHE A 485 -18.64 2.39 -14.28
C PHE A 485 -19.51 1.45 -15.15
N PHE A 486 -19.40 0.11 -14.95
CA PHE A 486 -20.27 -0.98 -15.57
C PHE A 486 -20.98 -1.91 -14.57
N TYR B 26 -18.96 -18.78 -34.06
CA TYR B 26 -18.43 -17.91 -32.94
C TYR B 26 -18.07 -16.54 -33.49
N ASP B 27 -18.25 -15.51 -32.70
CA ASP B 27 -17.70 -14.19 -33.09
C ASP B 27 -16.18 -14.18 -32.86
N LEU B 28 -15.76 -14.92 -31.84
CA LEU B 28 -14.36 -14.86 -31.38
C LEU B 28 -13.87 -16.20 -30.91
N ILE B 29 -12.72 -16.65 -31.40
CA ILE B 29 -11.99 -17.78 -30.81
C ILE B 29 -10.65 -17.27 -30.24
N VAL B 30 -10.42 -17.55 -28.96
CA VAL B 30 -9.21 -17.16 -28.29
C VAL B 30 -8.43 -18.44 -28.23
N ILE B 31 -7.15 -18.41 -28.65
CA ILE B 31 -6.30 -19.54 -28.46
C ILE B 31 -5.33 -19.24 -27.27
N GLY B 32 -5.53 -19.93 -26.13
CA GLY B 32 -4.83 -19.78 -24.78
C GLY B 32 -5.70 -19.15 -23.68
N SER B 33 -5.65 -19.68 -22.45
CA SER B 33 -6.49 -19.06 -21.34
C SER B 33 -5.70 -18.35 -20.24
N GLY B 34 -4.47 -17.94 -20.60
CA GLY B 34 -3.61 -17.04 -19.83
C GLY B 34 -4.29 -15.71 -19.61
N PRO B 35 -3.70 -14.87 -18.76
CA PRO B 35 -4.48 -13.75 -18.35
C PRO B 35 -4.93 -12.92 -19.55
N GLY B 36 -4.10 -12.75 -20.59
CA GLY B 36 -4.58 -11.99 -21.72
C GLY B 36 -5.83 -12.63 -22.35
N GLY B 37 -5.73 -13.93 -22.67
CA GLY B 37 -6.76 -14.62 -23.42
C GLY B 37 -8.02 -14.73 -22.56
N TYR B 38 -7.88 -15.02 -21.28
CA TYR B 38 -9.09 -15.13 -20.47
C TYR B 38 -9.82 -13.82 -20.30
N VAL B 39 -9.08 -12.72 -20.07
CA VAL B 39 -9.75 -11.46 -19.89
C VAL B 39 -10.39 -10.97 -21.24
N CYS B 40 -9.63 -11.24 -22.32
CA CYS B 40 -10.12 -10.93 -23.66
C CYS B 40 -11.46 -11.61 -23.80
N ALA B 41 -11.53 -12.91 -23.44
CA ALA B 41 -12.77 -13.65 -23.65
C ALA B 41 -13.91 -13.07 -22.83
N ILE B 42 -13.60 -12.64 -21.60
CA ILE B 42 -14.70 -12.17 -20.72
C ILE B 42 -15.24 -10.81 -21.16
N LYS B 43 -14.32 -9.91 -21.54
CA LYS B 43 -14.66 -8.62 -22.04
C LYS B 43 -15.48 -8.80 -23.31
N ALA B 44 -15.03 -9.72 -24.17
CA ALA B 44 -15.71 -9.91 -25.45
C ALA B 44 -17.14 -10.35 -25.16
N ALA B 45 -17.28 -11.30 -24.24
CA ALA B 45 -18.62 -11.81 -23.90
C ALA B 45 -19.51 -10.66 -23.30
N GLN B 46 -18.91 -9.82 -22.46
CA GLN B 46 -19.64 -8.76 -21.80
C GLN B 46 -20.05 -7.72 -22.85
N LEU B 47 -19.28 -7.62 -23.93
CA LEU B 47 -19.63 -6.74 -25.05
C LEU B 47 -20.63 -7.37 -26.02
N GLY B 48 -21.17 -8.55 -25.69
CA GLY B 48 -22.22 -9.17 -26.52
C GLY B 48 -21.79 -10.26 -27.49
N LYS B 50 -20.18 -13.96 -28.91
CA LYS B 50 -20.18 -15.40 -28.63
C LYS B 50 -18.73 -15.92 -28.75
N VAL B 51 -18.15 -16.38 -27.63
CA VAL B 51 -16.71 -16.64 -27.49
C VAL B 51 -16.40 -18.12 -27.23
N ALA B 52 -15.37 -18.64 -27.88
CA ALA B 52 -14.78 -19.93 -27.51
C ALA B 52 -13.33 -19.70 -27.08
N VAL B 53 -12.91 -20.48 -26.10
CA VAL B 53 -11.53 -20.47 -25.70
C VAL B 53 -10.93 -21.85 -25.88
N VAL B 54 -9.80 -21.89 -26.60
CA VAL B 54 -9.20 -23.15 -26.90
C VAL B 54 -7.98 -23.21 -26.02
N GLU B 55 -7.87 -24.25 -25.19
CA GLU B 55 -6.70 -24.34 -24.28
C GLU B 55 -6.21 -25.80 -24.21
N LYS B 56 -4.91 -26.06 -24.35
CA LYS B 56 -4.39 -27.44 -24.21
C LYS B 56 -4.39 -27.96 -22.75
N ARG B 57 -4.06 -27.11 -21.79
CA ARG B 57 -3.95 -27.54 -20.38
C ARG B 57 -5.34 -27.97 -19.82
N SER B 58 -5.30 -28.83 -18.79
CA SER B 58 -6.55 -29.34 -18.16
C SER B 58 -7.26 -28.27 -17.31
N THR B 59 -6.59 -27.12 -17.10
CA THR B 59 -7.07 -25.99 -16.29
C THR B 59 -6.89 -24.66 -17.05
N TYR B 60 -7.69 -23.66 -16.70
CA TYR B 60 -7.50 -22.29 -17.23
C TYR B 60 -6.45 -21.45 -16.48
N GLY B 61 -6.20 -20.22 -16.97
CA GLY B 61 -5.37 -19.24 -16.26
C GLY B 61 -3.94 -19.10 -16.76
N GLY B 62 -3.53 -20.02 -17.64
CA GLY B 62 -2.19 -19.97 -18.26
C GLY B 62 -1.05 -19.91 -17.26
N THR B 63 0.06 -19.30 -17.69
CA THR B 63 1.30 -19.23 -16.93
C THR B 63 1.05 -18.51 -15.63
N CYS B 64 0.31 -17.41 -15.64
CA CYS B 64 0.29 -16.60 -14.43
C CYS B 64 -0.36 -17.37 -13.23
N LEU B 65 -1.49 -18.00 -13.50
CA LEU B 65 -2.27 -18.56 -12.38
C LEU B 65 -1.86 -19.98 -11.93
N ASN B 66 -1.25 -20.75 -12.85
CA ASN B 66 -0.91 -22.19 -12.60
C ASN B 66 0.57 -22.42 -12.18
N VAL B 67 1.49 -21.74 -12.88
CA VAL B 67 2.95 -21.88 -12.68
C VAL B 67 3.74 -20.53 -12.64
N GLY B 68 3.04 -19.43 -12.31
CA GLY B 68 3.59 -18.08 -12.54
C GLY B 68 3.46 -17.11 -11.37
N CYS B 69 2.60 -16.11 -11.52
CA CYS B 69 2.45 -15.09 -10.51
C CYS B 69 1.81 -15.73 -9.32
N ILE B 70 0.76 -16.50 -9.49
CA ILE B 70 0.01 -16.82 -8.29
C ILE B 70 0.76 -17.72 -7.27
N PRO B 71 1.30 -18.88 -7.74
CA PRO B 71 1.96 -19.79 -6.77
C PRO B 71 3.19 -19.18 -6.16
N SER B 72 3.92 -18.42 -6.98
CA SER B 72 5.11 -17.73 -6.62
C SER B 72 4.84 -16.78 -5.41
N LYS B 73 3.80 -15.93 -5.58
CA LYS B 73 3.42 -14.98 -4.52
C LYS B 73 2.98 -15.74 -3.24
N ALA B 74 2.35 -16.92 -3.37
CA ALA B 74 1.96 -17.70 -2.17
C ALA B 74 3.15 -18.22 -1.36
N LEU B 75 4.21 -18.69 -2.05
CA LEU B 75 5.43 -19.16 -1.41
C LEU B 75 6.25 -18.00 -0.90
N LEU B 76 6.22 -16.88 -1.64
CA LEU B 76 6.96 -15.70 -1.21
C LEU B 76 6.38 -15.16 0.11
N HIS B 77 5.05 -15.10 0.23
CA HIS B 77 4.43 -14.59 1.45
C HIS B 77 4.70 -15.55 2.59
N ALA B 78 4.51 -16.84 2.32
CA ALA B 78 4.68 -17.85 3.40
C ALA B 78 6.14 -17.86 3.91
N SER B 79 7.08 -17.83 3.00
CA SER B 79 8.45 -17.94 3.36
C SER B 79 8.96 -16.66 4.02
N GLU B 80 8.37 -15.52 3.60
CA GLU B 80 8.63 -14.26 4.35
C GLU B 80 8.04 -14.31 5.80
N PHE B 82 7.78 -16.91 7.51
CA PHE B 82 8.75 -17.82 8.20
C PHE B 82 10.00 -17.07 8.68
N HIS B 83 10.59 -16.25 7.79
CA HIS B 83 11.69 -15.44 8.18
C HIS B 83 11.35 -14.43 9.26
N GLN B 84 10.20 -13.76 9.16
CA GLN B 84 9.75 -12.83 10.22
C GLN B 84 9.53 -13.56 11.54
N ALA B 85 8.95 -14.73 11.49
CA ALA B 85 8.76 -15.47 12.74
C ALA B 85 10.11 -15.74 13.45
N GLN B 86 11.14 -16.04 12.66
CA GLN B 86 12.49 -16.32 13.24
C GLN B 86 13.19 -15.10 13.66
N HIS B 87 13.00 -14.00 12.94
CA HIS B 87 13.90 -12.85 13.11
C HIS B 87 13.26 -11.51 13.46
N GLY B 88 11.97 -11.40 13.27
CA GLY B 88 11.28 -10.10 13.33
C GLY B 88 10.34 -9.95 14.53
N LEU B 89 10.34 -10.90 15.45
CA LEU B 89 9.34 -10.86 16.56
C LEU B 89 9.94 -10.45 17.88
N GLU B 90 11.15 -10.91 18.16
CA GLU B 90 11.70 -10.63 19.51
C GLU B 90 11.76 -9.14 19.82
N ALA B 91 12.15 -8.33 18.84
CA ALA B 91 12.29 -6.84 19.01
C ALA B 91 10.94 -6.15 19.28
N LEU B 92 9.85 -6.87 19.05
CA LEU B 92 8.58 -6.29 19.31
C LEU B 92 7.99 -6.87 20.59
N GLY B 93 8.75 -7.67 21.35
CA GLY B 93 8.15 -8.29 22.56
C GLY B 93 7.29 -9.54 22.35
N VAL B 94 7.45 -10.23 21.23
CA VAL B 94 6.69 -11.40 20.96
C VAL B 94 7.67 -12.63 20.92
N GLU B 95 7.47 -13.54 21.86
CA GLU B 95 8.40 -14.64 22.11
C GLU B 95 7.83 -15.96 21.55
N VAL B 96 8.53 -16.49 20.53
CA VAL B 96 8.08 -17.72 19.90
C VAL B 96 9.16 -18.81 19.80
N ALA B 97 10.27 -18.64 20.48
CA ALA B 97 11.29 -19.76 20.55
C ALA B 97 11.84 -20.04 19.14
N ASN B 98 11.94 -21.31 18.68
CA ASN B 98 12.50 -21.48 17.26
C ASN B 98 11.42 -22.07 16.27
N PRO B 99 10.89 -21.23 15.36
CA PRO B 99 9.76 -21.68 14.54
C PRO B 99 10.16 -22.88 13.69
N LYS B 100 9.21 -23.78 13.35
CA LYS B 100 9.51 -24.96 12.52
C LYS B 100 8.81 -24.81 11.16
N LEU B 101 9.49 -25.18 10.08
CA LEU B 101 8.91 -25.19 8.74
C LEU B 101 8.13 -26.44 8.57
N ASN B 102 6.89 -26.35 8.14
CA ASN B 102 6.21 -27.51 7.71
C ASN B 102 6.04 -27.33 6.16
N LEU B 103 6.98 -27.88 5.39
CA LEU B 103 6.99 -27.61 3.94
C LEU B 103 5.73 -28.13 3.29
N GLN B 104 5.24 -29.27 3.79
CA GLN B 104 4.04 -29.86 3.23
C GLN B 104 2.86 -28.85 3.33
N LYS B 105 2.66 -28.27 4.51
CA LYS B 105 1.56 -27.31 4.70
C LYS B 105 1.79 -25.99 3.91
N ALA B 108 0.83 -26.74 0.60
CA ALA B 108 -0.65 -26.84 0.58
C ALA B 108 -1.31 -25.46 0.44
N HIS B 109 -0.71 -24.48 1.08
CA HIS B 109 -1.24 -23.08 0.86
C HIS B 109 -1.05 -22.62 -0.58
N LYS B 110 0.12 -22.86 -1.15
CA LYS B 110 0.39 -22.55 -2.60
C LYS B 110 -0.67 -23.20 -3.48
N ASP B 111 -0.89 -24.51 -3.29
CA ASP B 111 -1.87 -25.20 -4.12
C ASP B 111 -3.29 -24.69 -3.89
N ALA B 112 -3.65 -24.32 -2.66
CA ALA B 112 -5.00 -23.79 -2.39
C ALA B 112 -5.22 -22.45 -3.11
N THR B 113 -4.18 -21.67 -3.19
CA THR B 113 -4.25 -20.35 -3.79
C THR B 113 -4.42 -20.56 -5.30
N VAL B 114 -3.58 -21.39 -5.88
CA VAL B 114 -3.74 -21.82 -7.29
C VAL B 114 -5.15 -22.30 -7.55
N LYS B 115 -5.63 -23.27 -6.80
CA LYS B 115 -7.03 -23.72 -6.98
C LYS B 115 -8.12 -22.62 -6.93
N SER B 116 -8.02 -21.62 -6.02
CA SER B 116 -9.11 -20.62 -6.00
C SER B 116 -9.01 -19.80 -7.27
N ASN B 117 -7.80 -19.52 -7.74
CA ASN B 117 -7.68 -18.62 -8.91
C ASN B 117 -8.19 -19.33 -10.18
N VAL B 118 -7.77 -20.58 -10.38
CA VAL B 118 -8.17 -21.39 -11.50
C VAL B 118 -9.67 -21.66 -11.48
N ASP B 119 -10.23 -21.94 -10.31
CA ASP B 119 -11.66 -22.18 -10.17
C ASP B 119 -12.43 -20.91 -10.43
N GLY B 120 -11.83 -19.79 -10.03
CA GLY B 120 -12.40 -18.48 -10.35
C GLY B 120 -12.52 -18.25 -11.87
N VAL B 121 -11.49 -18.65 -12.63
CA VAL B 121 -11.54 -18.42 -14.10
C VAL B 121 -12.64 -19.30 -14.65
N SER B 122 -12.76 -20.51 -14.13
CA SER B 122 -13.74 -21.38 -14.68
C SER B 122 -15.19 -20.90 -14.28
N PHE B 123 -15.40 -20.43 -13.04
CA PHE B 123 -16.62 -19.67 -12.76
C PHE B 123 -16.94 -18.47 -13.68
N LEU B 124 -16.00 -17.57 -13.89
CA LEU B 124 -16.30 -16.46 -14.77
C LEU B 124 -16.63 -16.91 -16.22
N PHE B 125 -15.99 -17.97 -16.70
CA PHE B 125 -16.36 -18.48 -18.07
C PHE B 125 -17.82 -18.96 -18.04
N LYS B 126 -18.24 -19.66 -16.97
CA LYS B 126 -19.67 -20.11 -16.90
C LYS B 126 -20.58 -18.93 -16.85
N LYS B 127 -20.27 -17.98 -15.97
CA LYS B 127 -21.13 -16.83 -15.82
C LYS B 127 -21.30 -16.00 -17.11
N ASN B 128 -20.24 -15.92 -17.92
CA ASN B 128 -20.27 -15.18 -19.19
C ASN B 128 -20.59 -15.99 -20.44
N LYS B 129 -20.94 -17.26 -20.25
CA LYS B 129 -21.39 -18.13 -21.33
C LYS B 129 -20.29 -18.32 -22.36
N ILE B 130 -19.07 -18.51 -21.87
CA ILE B 130 -17.94 -18.73 -22.76
C ILE B 130 -17.71 -20.20 -22.93
N ASP B 131 -17.59 -20.70 -24.15
CA ASP B 131 -17.30 -22.11 -24.34
C ASP B 131 -15.80 -22.46 -24.32
N GLY B 132 -15.43 -23.50 -23.58
CA GLY B 132 -14.03 -23.95 -23.54
C GLY B 132 -13.87 -25.21 -24.38
N PHE B 133 -12.77 -25.33 -25.11
CA PHE B 133 -12.40 -26.56 -25.84
C PHE B 133 -11.01 -27.02 -25.41
N GLN B 134 -10.90 -28.22 -24.91
CA GLN B 134 -9.56 -28.70 -24.58
C GLN B 134 -8.84 -29.30 -25.80
N GLY B 135 -7.65 -28.80 -26.11
CA GLY B 135 -6.91 -29.33 -27.25
C GLY B 135 -5.87 -28.34 -27.72
N THR B 136 -5.12 -28.73 -28.74
CA THR B 136 -4.18 -27.83 -29.37
C THR B 136 -4.82 -27.07 -30.51
N GLY B 137 -4.83 -25.73 -30.40
CA GLY B 137 -5.42 -24.89 -31.41
C GLY B 137 -4.39 -24.54 -32.50
N LYS B 138 -4.85 -24.46 -33.73
CA LYS B 138 -3.99 -24.18 -34.85
C LYS B 138 -4.77 -23.17 -35.74
N VAL B 139 -4.09 -22.10 -36.15
CA VAL B 139 -4.66 -21.02 -36.99
C VAL B 139 -4.63 -21.52 -38.45
N LEU B 140 -5.79 -21.70 -39.06
CA LEU B 140 -5.86 -22.24 -40.44
C LEU B 140 -6.04 -21.12 -41.44
N GLY B 141 -6.43 -19.94 -40.94
CA GLY B 141 -6.78 -18.82 -41.81
C GLY B 141 -8.23 -18.87 -42.25
N GLN B 142 -8.65 -17.81 -42.91
CA GLN B 142 -9.97 -17.69 -43.49
C GLN B 142 -11.07 -18.07 -42.52
N GLY B 143 -11.04 -17.53 -41.32
CA GLY B 143 -12.10 -17.76 -40.35
C GLY B 143 -12.06 -19.05 -39.56
N LYS B 144 -11.02 -19.87 -39.71
CA LYS B 144 -11.10 -21.19 -39.05
C LYS B 144 -9.94 -21.53 -38.09
N VAL B 145 -10.26 -22.29 -37.07
CA VAL B 145 -9.21 -22.75 -36.16
C VAL B 145 -9.42 -24.25 -35.99
N SER B 146 -8.37 -25.06 -36.16
CA SER B 146 -8.54 -26.49 -35.79
C SER B 146 -8.11 -26.80 -34.34
N VAL B 147 -8.86 -27.69 -33.68
CA VAL B 147 -8.61 -28.08 -32.30
C VAL B 147 -8.39 -29.59 -32.34
N THR B 148 -7.16 -30.02 -31.98
CA THR B 148 -6.84 -31.48 -31.85
C THR B 148 -6.75 -31.84 -30.39
N ASN B 149 -7.62 -32.77 -29.96
CA ASN B 149 -7.58 -33.19 -28.53
C ASN B 149 -6.52 -34.29 -28.28
N GLU B 150 -6.34 -34.64 -27.01
CA GLU B 150 -5.43 -35.70 -26.54
C GLU B 150 -5.59 -37.01 -27.32
N LYS B 151 -6.82 -37.34 -27.68
CA LYS B 151 -7.15 -38.53 -28.47
C LYS B 151 -6.62 -38.46 -29.93
N GLY B 152 -6.39 -37.27 -30.48
CA GLY B 152 -6.02 -37.15 -31.91
C GLY B 152 -7.16 -36.72 -32.83
N GLU B 153 -8.34 -36.41 -32.26
CA GLU B 153 -9.48 -35.96 -33.05
C GLU B 153 -9.43 -34.49 -33.27
N GLU B 154 -9.70 -34.12 -34.51
CA GLU B 154 -9.70 -32.76 -34.96
C GLU B 154 -11.13 -32.26 -35.15
N GLN B 155 -11.45 -31.12 -34.53
CA GLN B 155 -12.70 -30.40 -34.76
C GLN B 155 -12.31 -29.03 -35.35
N VAL B 156 -13.08 -28.52 -36.31
CA VAL B 156 -12.76 -27.23 -36.93
C VAL B 156 -13.80 -26.22 -36.50
N LEU B 157 -13.37 -25.16 -35.79
CA LEU B 157 -14.25 -24.13 -35.27
C LEU B 157 -14.20 -22.93 -36.23
N GLU B 158 -15.32 -22.25 -36.46
CA GLU B 158 -15.13 -21.05 -37.26
C GLU B 158 -15.53 -19.76 -36.49
N ALA B 159 -14.84 -18.68 -36.81
CA ALA B 159 -15.18 -17.39 -36.18
C ALA B 159 -14.68 -16.27 -37.02
N LYS B 160 -15.31 -15.10 -36.88
CA LYS B 160 -14.91 -13.92 -37.61
C LYS B 160 -13.54 -13.38 -37.10
N ASN B 161 -13.24 -13.66 -35.83
CA ASN B 161 -12.01 -13.17 -35.18
C ASN B 161 -11.33 -14.27 -34.37
N VAL B 162 -10.01 -14.30 -34.46
CA VAL B 162 -9.18 -15.23 -33.72
C VAL B 162 -8.15 -14.35 -32.98
N VAL B 163 -8.02 -14.56 -31.67
CA VAL B 163 -7.00 -13.89 -30.87
C VAL B 163 -6.00 -14.93 -30.42
N ILE B 164 -4.77 -14.76 -30.86
CA ILE B 164 -3.66 -15.64 -30.33
C ILE B 164 -3.22 -15.15 -28.91
N ALA B 165 -3.36 -15.99 -27.88
CA ALA B 165 -3.03 -15.59 -26.51
C ALA B 165 -2.25 -16.76 -25.91
N THR B 166 -1.29 -17.28 -26.69
CA THR B 166 -0.54 -18.49 -26.27
C THR B 166 0.61 -18.29 -25.27
N GLY B 167 0.97 -17.05 -24.93
CA GLY B 167 1.81 -16.85 -23.74
C GLY B 167 3.24 -17.12 -24.08
N SER B 168 3.94 -17.67 -23.11
CA SER B 168 5.38 -17.81 -23.24
C SER B 168 5.87 -19.14 -22.64
N ASP B 169 7.15 -19.41 -22.79
CA ASP B 169 7.78 -20.62 -22.30
C ASP B 169 9.04 -20.26 -21.64
N VAL B 170 9.54 -21.16 -20.80
CA VAL B 170 10.86 -21.04 -20.22
C VAL B 170 11.94 -21.06 -21.34
N ALA B 171 12.87 -20.09 -21.31
CA ALA B 171 14.03 -20.09 -22.24
C ALA B 171 15.23 -20.85 -21.65
N GLY B 172 16.20 -21.21 -22.51
CA GLY B 172 17.44 -21.84 -22.05
C GLY B 172 18.58 -20.87 -21.81
N ILE B 173 19.78 -21.42 -21.97
CA ILE B 173 20.95 -20.61 -21.83
C ILE B 173 21.51 -20.44 -23.23
N PRO B 174 21.65 -19.17 -23.67
CA PRO B 174 22.37 -18.81 -24.88
C PRO B 174 23.47 -19.85 -25.16
N GLY B 175 23.29 -20.64 -26.22
CA GLY B 175 24.27 -21.61 -26.71
C GLY B 175 24.84 -22.68 -25.78
N VAL B 176 24.13 -23.02 -24.71
CA VAL B 176 24.52 -24.13 -23.88
C VAL B 176 23.33 -25.04 -23.86
N GLU B 177 23.54 -26.35 -24.05
CA GLU B 177 22.41 -27.27 -23.94
C GLU B 177 22.20 -27.54 -22.46
N VAL B 178 20.96 -27.67 -22.03
CA VAL B 178 20.70 -28.03 -20.65
C VAL B 178 19.45 -28.86 -20.62
N ALA B 179 19.52 -29.93 -19.84
CA ALA B 179 18.48 -30.93 -19.77
C ALA B 179 17.72 -30.70 -18.49
N PHE B 180 16.56 -30.06 -18.60
CA PHE B 180 15.67 -29.84 -17.45
C PHE B 180 15.11 -31.17 -16.98
N ASP B 181 15.34 -31.51 -15.71
CA ASP B 181 14.73 -32.71 -15.14
C ASP B 181 13.67 -32.37 -14.06
N GLU B 182 13.59 -31.10 -13.64
CA GLU B 182 12.64 -30.62 -12.60
C GLU B 182 12.79 -31.24 -11.23
N LYS B 183 13.99 -31.71 -10.89
CA LYS B 183 14.34 -31.98 -9.47
C LYS B 183 15.75 -31.53 -9.17
N THR B 184 16.68 -31.68 -10.10
CA THR B 184 18.01 -31.14 -9.91
C THR B 184 18.27 -29.95 -10.83
N ILE B 185 17.93 -30.05 -12.12
CA ILE B 185 18.08 -28.90 -13.05
C ILE B 185 16.65 -28.49 -13.33
N VAL B 186 16.27 -27.31 -12.82
CA VAL B 186 14.84 -26.93 -12.81
C VAL B 186 14.60 -25.57 -13.41
N SER B 187 13.39 -25.43 -13.89
CA SER B 187 12.93 -24.14 -14.30
C SER B 187 12.11 -23.65 -13.09
N SER B 188 11.41 -22.55 -13.29
CA SER B 188 10.54 -22.00 -12.25
C SER B 188 9.48 -23.01 -11.83
N THR B 189 9.07 -23.85 -12.76
CA THR B 189 8.03 -24.84 -12.45
C THR B 189 8.45 -25.87 -11.38
N GLY B 190 9.59 -26.48 -11.59
CA GLY B 190 10.20 -27.35 -10.59
C GLY B 190 10.56 -26.57 -9.32
N ALA B 191 11.07 -25.34 -9.44
CA ALA B 191 11.51 -24.58 -8.25
C ALA B 191 10.37 -24.27 -7.33
N LEU B 192 9.14 -24.24 -7.87
CA LEU B 192 7.95 -24.00 -7.08
C LEU B 192 7.50 -25.20 -6.31
N ALA B 193 8.09 -26.34 -6.61
CA ALA B 193 7.57 -27.56 -6.04
C ALA B 193 8.66 -28.50 -5.48
N LEU B 194 9.83 -27.95 -5.15
CA LEU B 194 10.92 -28.81 -4.63
C LEU B 194 10.40 -29.59 -3.44
N GLU B 195 10.81 -30.85 -3.32
CA GLU B 195 10.28 -31.72 -2.26
C GLU B 195 10.97 -31.47 -0.94
N LYS B 196 12.14 -30.88 -0.98
CA LYS B 196 12.76 -30.44 0.27
C LYS B 196 13.64 -29.26 0.02
N VAL B 197 13.96 -28.59 1.12
CA VAL B 197 14.77 -27.47 1.03
C VAL B 197 16.15 -27.89 0.57
N PRO B 198 16.64 -27.34 -0.56
CA PRO B 198 17.99 -27.81 -0.89
C PRO B 198 19.04 -27.15 0.02
N ALA B 199 20.20 -27.80 0.23
CA ALA B 199 21.29 -27.13 1.00
C ALA B 199 21.77 -25.95 0.26
N SER B 200 21.76 -26.03 -1.08
CA SER B 200 22.37 -25.02 -1.89
C SER B 200 21.60 -24.98 -3.22
N ILE B 202 21.76 -22.80 -7.14
CA ILE B 202 22.40 -21.83 -7.97
C ILE B 202 21.27 -21.38 -8.89
N VAL B 203 21.09 -20.06 -9.06
CA VAL B 203 20.04 -19.58 -9.96
C VAL B 203 20.72 -18.90 -11.11
N VAL B 204 20.43 -19.37 -12.32
CA VAL B 204 21.03 -18.75 -13.50
C VAL B 204 20.00 -17.76 -14.13
N GLY B 205 20.31 -16.48 -13.98
CA GLY B 205 19.45 -15.35 -14.44
C GLY B 205 19.13 -14.46 -13.21
N GLY B 206 19.54 -13.20 -13.27
CA GLY B 206 19.27 -12.31 -12.12
C GLY B 206 18.11 -11.38 -12.41
N GLY B 207 17.12 -11.90 -13.12
CA GLY B 207 15.88 -11.20 -13.41
C GLY B 207 14.88 -11.39 -12.28
N VAL B 208 13.63 -10.95 -12.51
CA VAL B 208 12.55 -11.02 -11.49
C VAL B 208 12.31 -12.44 -11.02
N ILE B 209 12.17 -13.39 -11.96
CA ILE B 209 11.84 -14.72 -11.54
C ILE B 209 12.95 -15.44 -10.73
N GLY B 210 14.17 -15.32 -11.22
CA GLY B 210 15.37 -15.82 -10.48
C GLY B 210 15.42 -15.26 -9.05
N LEU B 211 15.31 -13.95 -8.92
CA LEU B 211 15.41 -13.29 -7.59
C LEU B 211 14.28 -13.68 -6.66
N GLU B 212 13.07 -13.75 -7.19
CA GLU B 212 11.96 -14.17 -6.36
C GLU B 212 12.11 -15.63 -5.83
N LEU B 213 12.32 -16.54 -6.75
CA LEU B 213 12.48 -17.95 -6.33
C LEU B 213 13.69 -18.19 -5.52
N GLY B 214 14.75 -17.51 -5.86
CA GLY B 214 15.95 -17.59 -5.05
C GLY B 214 15.68 -17.11 -3.61
N SER B 215 14.93 -16.01 -3.47
CA SER B 215 14.56 -15.53 -2.16
C SER B 215 13.74 -16.54 -1.39
N VAL B 216 12.77 -17.19 -2.02
CA VAL B 216 11.93 -18.18 -1.32
C VAL B 216 12.82 -19.20 -0.64
N TRP B 217 13.70 -19.84 -1.41
CA TRP B 217 14.47 -20.96 -0.84
C TRP B 217 15.54 -20.51 0.12
N ALA B 218 16.16 -19.32 -0.13
CA ALA B 218 17.12 -18.75 0.79
C ALA B 218 16.47 -18.57 2.16
N ARG B 219 15.25 -18.04 2.20
CA ARG B 219 14.59 -17.83 3.52
C ARG B 219 14.35 -19.18 4.20
N LEU B 220 14.16 -20.22 3.40
CA LEU B 220 13.74 -21.49 4.03
C LEU B 220 14.97 -22.31 4.39
N GLY B 221 16.17 -21.76 4.15
CA GLY B 221 17.46 -22.31 4.58
C GLY B 221 18.47 -22.74 3.51
N ALA B 222 18.21 -22.49 2.23
CA ALA B 222 19.22 -22.80 1.23
C ALA B 222 20.29 -21.75 1.15
N LYS B 223 21.50 -22.17 0.82
CA LYS B 223 22.51 -21.26 0.39
C LYS B 223 22.31 -20.93 -1.11
N VAL B 224 22.03 -19.65 -1.42
CA VAL B 224 21.67 -19.28 -2.79
C VAL B 224 22.71 -18.43 -3.45
N THR B 225 23.01 -18.75 -4.71
CA THR B 225 23.92 -17.97 -5.53
C THR B 225 23.29 -17.66 -6.89
N VAL B 226 23.32 -16.38 -7.25
CA VAL B 226 22.71 -15.86 -8.50
C VAL B 226 23.83 -15.55 -9.45
N VAL B 227 23.75 -16.20 -10.61
CA VAL B 227 24.78 -16.03 -11.63
C VAL B 227 24.08 -15.34 -12.86
N GLU B 228 24.62 -14.21 -13.30
CA GLU B 228 23.96 -13.33 -14.24
C GLU B 228 24.95 -12.69 -15.22
N PHE B 229 24.56 -12.78 -16.48
CA PHE B 229 25.29 -12.21 -17.62
C PHE B 229 25.53 -10.72 -17.52
N LEU B 230 24.48 -9.94 -17.19
CA LEU B 230 24.69 -8.51 -17.05
C LEU B 230 25.44 -8.21 -15.82
N ASP B 231 25.96 -7.00 -15.82
CA ASP B 231 26.63 -6.40 -14.70
C ASP B 231 25.65 -5.91 -13.67
N THR B 232 24.36 -6.09 -13.95
CA THR B 232 23.32 -5.66 -13.00
C THR B 232 22.26 -6.73 -12.90
N ILE B 233 21.61 -6.83 -11.74
CA ILE B 233 20.42 -7.66 -11.64
C ILE B 233 19.22 -6.80 -12.19
N LEU B 234 18.08 -7.45 -12.42
CA LEU B 234 16.85 -6.80 -12.92
C LEU B 234 17.03 -5.97 -14.22
N GLY B 235 16.92 -6.61 -15.41
CA GLY B 235 16.65 -5.83 -16.68
C GLY B 235 17.71 -4.78 -16.75
N GLY B 236 17.32 -3.62 -17.26
CA GLY B 236 15.95 -3.38 -17.66
C GLY B 236 15.38 -2.37 -16.65
N ASP B 238 15.29 0.37 -13.21
CA ASP B 238 16.10 1.50 -12.88
C ASP B 238 17.39 1.04 -12.15
N GLY B 239 18.57 1.50 -12.59
CA GLY B 239 19.87 1.01 -12.08
C GLY B 239 20.08 1.20 -10.60
N GLU B 240 19.75 2.37 -10.06
CA GLU B 240 19.94 2.61 -8.63
C GLU B 240 19.08 1.68 -7.77
N VAL B 241 17.80 1.53 -8.15
CA VAL B 241 16.92 0.62 -7.45
C VAL B 241 17.43 -0.85 -7.46
N ALA B 242 17.82 -1.33 -8.66
CA ALA B 242 18.31 -2.66 -8.83
C ALA B 242 19.61 -2.83 -8.00
N LYS B 243 20.49 -1.84 -8.06
CA LYS B 243 21.72 -1.86 -7.20
C LYS B 243 21.38 -1.96 -5.68
N GLN B 244 20.42 -1.16 -5.23
CA GLN B 244 20.01 -1.24 -3.83
C GLN B 244 19.43 -2.55 -3.44
N LEU B 245 18.62 -3.13 -4.31
CA LEU B 245 18.11 -4.46 -4.05
C LEU B 245 19.22 -5.54 -3.96
N GLN B 246 20.23 -5.42 -4.81
CA GLN B 246 21.35 -6.37 -4.80
C GLN B 246 22.02 -6.32 -3.43
N ARG B 247 22.32 -5.10 -2.99
CA ARG B 247 22.86 -4.85 -1.67
C ARG B 247 22.08 -5.44 -0.54
N LEU B 249 19.76 -7.95 -0.73
CA LEU B 249 19.67 -9.40 -0.86
C LEU B 249 21.03 -10.02 -0.43
N THR B 250 22.10 -9.25 -0.69
CA THR B 250 23.49 -9.67 -0.35
C THR B 250 23.57 -9.75 1.18
N LYS B 251 23.12 -8.67 1.86
CA LYS B 251 23.01 -8.73 3.35
C LYS B 251 22.13 -9.86 3.80
N GLN B 252 21.13 -10.25 3.02
CA GLN B 252 20.32 -11.37 3.45
C GLN B 252 21.00 -12.73 3.22
N GLY B 253 22.20 -12.75 2.62
CA GLY B 253 22.99 -14.01 2.45
C GLY B 253 22.98 -14.62 1.06
N ILE B 254 22.36 -13.92 0.12
CA ILE B 254 22.44 -14.30 -1.28
C ILE B 254 23.77 -13.79 -1.92
N ASP B 255 24.54 -14.72 -2.53
CA ASP B 255 25.77 -14.35 -3.34
C ASP B 255 25.49 -14.06 -4.83
N PHE B 256 26.15 -13.07 -5.40
CA PHE B 256 25.90 -12.70 -6.80
C PHE B 256 27.24 -12.84 -7.49
N LYS B 257 27.22 -13.52 -8.62
CA LYS B 257 28.32 -13.47 -9.62
C LYS B 257 27.71 -12.82 -10.85
N LEU B 258 28.06 -11.55 -11.00
CA LEU B 258 27.58 -10.72 -12.09
C LEU B 258 28.66 -10.63 -13.19
N GLY B 259 28.25 -10.18 -14.37
CA GLY B 259 29.14 -10.13 -15.51
C GLY B 259 29.64 -11.52 -15.86
N ALA B 260 28.78 -12.54 -15.72
CA ALA B 260 29.17 -13.93 -15.79
C ALA B 260 28.45 -14.57 -16.92
N LYS B 261 29.22 -15.17 -17.83
CA LYS B 261 28.71 -16.02 -18.92
C LYS B 261 28.71 -17.51 -18.53
N VAL B 262 27.54 -18.13 -18.43
CA VAL B 262 27.47 -19.58 -18.14
C VAL B 262 27.76 -20.43 -19.41
N THR B 263 28.74 -21.35 -19.31
CA THR B 263 29.14 -22.21 -20.45
C THR B 263 28.71 -23.65 -20.21
N GLY B 264 28.30 -23.98 -18.97
CA GLY B 264 27.74 -25.31 -18.71
C GLY B 264 26.94 -25.37 -17.43
N ALA B 265 25.98 -26.29 -17.41
CA ALA B 265 25.07 -26.53 -16.26
C ALA B 265 24.54 -27.95 -16.36
N VAL B 266 25.10 -28.85 -15.54
CA VAL B 266 24.89 -30.28 -15.74
C VAL B 266 24.83 -31.00 -14.42
N LYS B 267 24.04 -32.08 -14.37
CA LYS B 267 24.05 -32.96 -13.20
C LYS B 267 25.45 -33.55 -12.98
N SER B 268 25.89 -33.51 -11.74
CA SER B 268 27.00 -34.29 -11.25
C SER B 268 26.25 -34.92 -10.08
N GLY B 269 25.36 -35.87 -10.42
CA GLY B 269 24.57 -36.62 -9.43
C GLY B 269 25.25 -36.61 -8.07
N ASP B 270 24.51 -36.41 -6.98
CA ASP B 270 23.06 -36.20 -6.99
C ASP B 270 22.70 -34.72 -7.19
N GLY B 271 23.70 -33.84 -7.28
CA GLY B 271 23.51 -32.41 -7.50
C GLY B 271 23.83 -31.87 -8.90
N ALA B 272 24.47 -30.70 -9.00
CA ALA B 272 24.69 -30.12 -10.30
C ALA B 272 25.83 -29.17 -10.27
N LYS B 273 26.31 -28.84 -11.45
CA LYS B 273 27.52 -28.06 -11.56
C LYS B 273 27.36 -26.99 -12.64
N VAL B 274 27.63 -25.74 -12.29
CA VAL B 274 27.59 -24.63 -13.22
C VAL B 274 28.98 -24.06 -13.42
N THR B 275 29.32 -23.91 -14.71
CA THR B 275 30.57 -23.36 -15.11
C THR B 275 30.29 -22.02 -15.79
N PHE B 276 31.12 -21.05 -15.49
CA PHE B 276 31.02 -19.70 -16.03
C PHE B 276 32.39 -19.01 -16.13
N GLU B 277 32.45 -17.94 -16.90
CA GLU B 277 33.66 -17.13 -17.07
C GLU B 277 33.24 -15.69 -17.25
N PRO B 278 34.10 -14.73 -16.85
CA PRO B 278 33.75 -13.34 -16.93
C PRO B 278 33.48 -12.95 -18.37
N VAL B 279 32.27 -12.50 -18.68
CA VAL B 279 31.90 -12.05 -20.04
C VAL B 279 33.05 -11.37 -20.77
N LYS B 280 33.78 -10.52 -20.02
CA LYS B 280 34.90 -9.67 -20.51
C LYS B 280 36.28 -10.35 -20.36
N GLY B 281 36.58 -10.82 -19.14
CA GLY B 281 37.83 -11.56 -18.84
C GLY B 281 37.85 -12.98 -19.42
N GLY B 282 38.57 -13.87 -18.75
CA GLY B 282 38.86 -15.21 -19.32
C GLY B 282 38.80 -16.44 -18.44
N GLU B 283 39.38 -16.41 -17.24
CA GLU B 283 39.45 -17.60 -16.35
C GLU B 283 38.09 -18.23 -15.94
N ALA B 284 37.93 -19.55 -16.06
CA ALA B 284 36.63 -20.25 -15.74
C ALA B 284 36.46 -20.71 -14.28
N THR B 285 35.22 -20.70 -13.78
CA THR B 285 34.87 -21.21 -12.45
C THR B 285 33.76 -22.21 -12.58
N THR B 286 33.85 -23.23 -11.75
CA THR B 286 32.81 -24.21 -11.60
C THR B 286 32.22 -24.02 -10.22
N LEU B 287 30.90 -24.15 -10.09
CA LEU B 287 30.22 -24.05 -8.80
C LEU B 287 29.23 -25.19 -8.69
N ASP B 288 29.24 -25.93 -7.57
CA ASP B 288 28.29 -27.05 -7.32
C ASP B 288 27.13 -26.65 -6.38
N ALA B 289 25.97 -27.26 -6.58
CA ALA B 289 24.86 -27.06 -5.67
C ALA B 289 23.93 -28.23 -5.83
N GLU B 290 23.06 -28.41 -4.85
CA GLU B 290 22.10 -29.49 -4.86
C GLU B 290 21.06 -29.25 -5.95
N VAL B 291 20.72 -27.98 -6.26
CA VAL B 291 19.67 -27.69 -7.28
C VAL B 291 20.12 -26.47 -8.10
N VAL B 292 19.83 -26.44 -9.41
CA VAL B 292 20.20 -25.25 -10.21
C VAL B 292 18.86 -24.81 -10.84
N LEU B 293 18.57 -23.52 -10.69
CA LEU B 293 17.34 -22.97 -11.30
C LEU B 293 17.80 -22.22 -12.52
N ILE B 294 17.27 -22.57 -13.70
CA ILE B 294 17.55 -21.76 -14.89
C ILE B 294 16.43 -20.74 -15.03
N ALA B 295 16.74 -19.45 -14.86
CA ALA B 295 15.68 -18.39 -14.93
C ALA B 295 16.14 -17.27 -15.81
N THR B 296 16.44 -17.60 -17.07
CA THR B 296 16.80 -16.56 -18.05
C THR B 296 15.50 -16.00 -18.61
N GLY B 297 15.55 -14.98 -19.47
CA GLY B 297 14.27 -14.46 -20.05
C GLY B 297 13.27 -15.42 -20.71
N ARG B 298 11.99 -15.29 -20.42
CA ARG B 298 11.03 -16.15 -21.05
C ARG B 298 10.93 -15.76 -22.56
N LYS B 299 10.33 -16.63 -23.36
CA LYS B 299 10.22 -16.31 -24.76
C LYS B 299 8.80 -16.64 -25.25
N PRO B 300 8.32 -15.95 -26.31
CA PRO B 300 6.98 -16.23 -26.84
C PRO B 300 6.72 -17.67 -27.23
N SER B 301 5.55 -18.20 -26.98
CA SER B 301 5.33 -19.61 -27.29
C SER B 301 4.31 -19.66 -28.43
N THR B 302 4.78 -20.05 -29.60
CA THR B 302 3.86 -20.17 -30.78
C THR B 302 3.79 -21.64 -31.33
N ASP B 303 4.50 -22.57 -30.69
CA ASP B 303 4.42 -23.98 -31.02
C ASP B 303 3.00 -24.45 -31.31
N GLY B 304 2.77 -25.13 -32.44
CA GLY B 304 1.48 -25.76 -32.65
C GLY B 304 0.44 -24.88 -33.29
N LEU B 305 0.77 -23.61 -33.55
CA LEU B 305 -0.25 -22.72 -34.10
C LEU B 305 -0.32 -22.77 -35.63
N GLY B 306 0.68 -23.39 -36.27
CA GLY B 306 0.77 -23.32 -37.72
C GLY B 306 0.97 -21.95 -38.36
N LEU B 307 1.70 -21.03 -37.70
CA LEU B 307 1.75 -19.64 -38.21
C LEU B 307 2.42 -19.49 -39.58
N ALA B 308 3.50 -20.28 -39.83
CA ALA B 308 4.21 -20.09 -41.12
C ALA B 308 3.22 -20.42 -42.24
N LYS B 309 2.53 -21.55 -42.13
CA LYS B 309 1.53 -21.94 -43.15
C LYS B 309 0.37 -20.96 -43.24
N ALA B 310 -0.01 -20.34 -42.13
CA ALA B 310 -1.11 -19.34 -42.20
C ALA B 310 -0.64 -17.99 -42.74
N GLY B 311 0.67 -17.73 -42.71
CA GLY B 311 1.15 -16.45 -43.14
C GLY B 311 1.24 -15.33 -42.09
N VAL B 312 1.19 -15.72 -40.81
CA VAL B 312 1.31 -14.81 -39.68
C VAL B 312 2.82 -14.65 -39.43
N VAL B 313 3.30 -13.46 -39.72
CA VAL B 313 4.70 -13.03 -39.60
C VAL B 313 5.16 -12.89 -38.13
N LEU B 314 6.30 -13.54 -37.83
CA LEU B 314 7.02 -13.47 -36.56
C LEU B 314 8.22 -12.52 -36.70
N ASP B 315 8.69 -11.92 -35.61
CA ASP B 315 9.86 -11.05 -35.74
C ASP B 315 11.09 -11.86 -35.44
N SER B 316 12.25 -11.21 -35.27
CA SER B 316 13.48 -11.99 -35.01
C SER B 316 13.52 -12.71 -33.65
N ARG B 317 12.80 -12.12 -32.69
CA ARG B 317 12.69 -12.56 -31.29
C ARG B 317 11.59 -13.61 -31.13
N GLY B 318 10.92 -13.96 -32.24
CA GLY B 318 9.86 -15.00 -32.17
C GLY B 318 8.48 -14.47 -31.77
N ARG B 319 8.36 -13.16 -31.71
CA ARG B 319 7.10 -12.54 -31.35
C ARG B 319 6.17 -12.34 -32.53
N VAL B 320 4.90 -12.53 -32.32
CA VAL B 320 3.90 -12.23 -33.38
C VAL B 320 3.91 -10.75 -33.72
N GLU B 321 4.19 -10.38 -35.00
CA GLU B 321 4.09 -8.97 -35.41
C GLU B 321 2.68 -8.47 -35.43
N ILE B 322 2.43 -7.29 -34.89
CA ILE B 322 1.04 -6.80 -34.90
C ILE B 322 1.02 -5.34 -35.23
N ASP B 323 -0.11 -4.81 -35.63
CA ASP B 323 -0.26 -3.33 -35.80
C ASP B 323 -0.91 -2.71 -34.55
N ARG B 324 -1.41 -1.47 -34.68
CA ARG B 324 -1.93 -0.68 -33.56
C ARG B 324 -3.24 -1.25 -32.97
N HIS B 325 -3.90 -2.10 -33.74
CA HIS B 325 -5.11 -2.75 -33.28
C HIS B 325 -4.88 -4.18 -32.89
N PHE B 326 -3.63 -4.55 -32.64
CA PHE B 326 -3.27 -5.96 -32.28
C PHE B 326 -3.47 -6.95 -33.45
N GLN B 327 -3.64 -6.44 -34.70
CA GLN B 327 -3.92 -7.31 -35.85
C GLN B 327 -2.61 -7.77 -36.47
N THR B 328 -2.55 -9.06 -36.80
CA THR B 328 -1.33 -9.68 -37.33
C THR B 328 -1.32 -9.37 -38.89
N SER B 329 -0.36 -9.98 -39.58
CA SER B 329 -0.30 -9.89 -41.04
C SER B 329 -1.47 -10.58 -41.74
N ILE B 330 -2.26 -11.36 -40.99
CA ILE B 330 -3.45 -12.05 -41.49
C ILE B 330 -4.71 -11.34 -40.94
N ALA B 331 -5.51 -10.79 -41.87
CA ALA B 331 -6.74 -10.09 -41.46
C ALA B 331 -7.61 -11.00 -40.61
N GLY B 332 -8.12 -10.50 -39.47
CA GLY B 332 -9.09 -11.30 -38.64
C GLY B 332 -8.33 -12.15 -37.60
N VAL B 333 -7.00 -12.11 -37.65
CA VAL B 333 -6.14 -12.79 -36.69
C VAL B 333 -5.35 -11.74 -35.86
N TYR B 334 -5.55 -11.81 -34.52
CA TYR B 334 -4.98 -10.84 -33.57
C TYR B 334 -4.06 -11.55 -32.60
N ALA B 335 -3.22 -10.79 -31.86
CA ALA B 335 -2.31 -11.40 -30.88
C ALA B 335 -2.07 -10.41 -29.75
N ILE B 336 -1.96 -10.97 -28.56
CA ILE B 336 -1.82 -10.10 -27.35
C ILE B 336 -0.88 -10.82 -26.38
N GLY B 337 -0.40 -10.13 -25.33
CA GLY B 337 0.14 -10.93 -24.22
C GLY B 337 1.62 -11.14 -24.48
N ASP B 338 2.17 -12.10 -23.73
CA ASP B 338 3.57 -12.45 -23.85
C ASP B 338 4.03 -12.82 -25.32
N VAL B 339 3.10 -13.14 -26.20
CA VAL B 339 3.51 -13.45 -27.62
C VAL B 339 3.80 -12.22 -28.49
N VAL B 340 3.50 -11.01 -28.01
CA VAL B 340 3.75 -9.84 -28.84
C VAL B 340 4.70 -8.95 -28.07
N ARG B 341 5.12 -7.86 -28.72
CA ARG B 341 6.03 -6.86 -28.10
C ARG B 341 5.52 -6.28 -26.74
N GLY B 342 6.47 -5.76 -25.99
CA GLY B 342 6.17 -5.02 -24.71
C GLY B 342 6.44 -5.91 -23.52
N PRO B 343 6.28 -5.34 -22.32
CA PRO B 343 6.65 -6.09 -21.12
C PRO B 343 5.85 -7.39 -20.96
N LEU B 345 4.15 -9.13 -18.76
CA LEU B 345 3.57 -9.01 -17.43
C LEU B 345 2.12 -9.39 -17.59
N ALA B 346 1.59 -10.03 -16.57
CA ALA B 346 0.17 -10.37 -16.63
C ALA B 346 -0.80 -9.24 -16.84
N HIS B 347 -0.62 -8.14 -16.12
CA HIS B 347 -1.62 -7.01 -16.23
C HIS B 347 -1.49 -6.32 -17.57
N LYS B 348 -0.30 -6.32 -18.15
CA LYS B 348 -0.13 -5.85 -19.55
C LYS B 348 -0.94 -6.75 -20.51
N ALA B 349 -0.82 -8.08 -20.35
CA ALA B 349 -1.58 -8.99 -21.20
C ALA B 349 -3.06 -8.75 -21.02
N GLU B 350 -3.53 -8.52 -19.78
CA GLU B 350 -4.95 -8.26 -19.58
C GLU B 350 -5.40 -6.98 -20.19
N ASP B 351 -4.60 -5.93 -20.05
CA ASP B 351 -4.96 -4.65 -20.70
C ASP B 351 -5.15 -4.84 -22.24
N GLU B 352 -4.25 -5.61 -22.84
CA GLU B 352 -4.26 -5.87 -24.32
C GLU B 352 -5.52 -6.69 -24.64
N GLY B 353 -5.90 -7.61 -23.74
CA GLY B 353 -7.03 -8.51 -23.89
C GLY B 353 -8.30 -7.70 -23.90
N VAL B 354 -8.42 -6.77 -22.96
CA VAL B 354 -9.55 -5.85 -23.01
C VAL B 354 -9.51 -4.99 -24.25
N ALA B 355 -8.35 -4.37 -24.57
CA ALA B 355 -8.30 -3.45 -25.72
C ALA B 355 -8.75 -4.19 -27.00
N VAL B 356 -8.23 -5.39 -27.22
CA VAL B 356 -8.54 -6.04 -28.49
C VAL B 356 -10.05 -6.44 -28.55
N ALA B 357 -10.64 -6.89 -27.42
CA ALA B 357 -12.09 -7.25 -27.35
C ALA B 357 -12.91 -6.01 -27.70
N GLU B 358 -12.53 -4.87 -27.12
CA GLU B 358 -13.14 -3.55 -27.47
C GLU B 358 -12.98 -3.13 -28.96
N ILE B 359 -11.76 -3.26 -29.49
CA ILE B 359 -11.49 -3.04 -30.93
C ILE B 359 -12.39 -3.93 -31.80
N ILE B 360 -12.45 -5.23 -31.51
CA ILE B 360 -13.20 -6.19 -32.33
C ILE B 360 -14.70 -5.86 -32.27
N ALA B 361 -15.13 -5.27 -31.17
CA ALA B 361 -16.55 -4.82 -31.03
C ALA B 361 -16.76 -3.49 -31.69
N GLY B 362 -15.71 -2.89 -32.27
CA GLY B 362 -15.88 -1.61 -32.95
C GLY B 362 -15.65 -0.39 -32.08
N GLN B 363 -15.11 -0.57 -30.88
CA GLN B 363 -14.86 0.56 -30.00
C GLN B 363 -13.39 0.98 -29.91
N ALA B 364 -13.11 2.10 -29.25
CA ALA B 364 -11.71 2.59 -29.13
C ALA B 364 -10.88 1.91 -28.02
N GLY B 365 -10.31 0.75 -28.33
CA GLY B 365 -9.43 0.03 -27.39
C GLY B 365 -8.09 0.73 -27.26
N HIS B 366 -7.64 1.01 -26.02
CA HIS B 366 -6.40 1.79 -25.91
C HIS B 366 -5.60 1.22 -24.77
N VAL B 367 -4.29 1.10 -24.94
CA VAL B 367 -3.45 0.64 -23.81
C VAL B 367 -2.42 1.73 -23.65
N ASN B 368 -2.21 2.23 -22.41
CA ASN B 368 -1.20 3.29 -22.19
C ASN B 368 0.11 2.71 -21.82
N TYR B 369 0.97 2.48 -22.79
CA TYR B 369 2.22 1.81 -22.57
C TYR B 369 3.16 2.62 -21.74
N ASP B 370 2.85 3.90 -21.53
CA ASP B 370 3.72 4.72 -20.72
C ASP B 370 3.46 4.51 -19.26
N VAL B 371 2.34 3.87 -18.92
CA VAL B 371 1.96 3.67 -17.52
C VAL B 371 1.59 2.21 -17.28
N ILE B 372 2.60 1.34 -17.18
CA ILE B 372 2.35 -0.06 -16.89
C ILE B 372 3.33 -0.37 -15.71
N PRO B 373 2.81 -0.51 -14.49
CA PRO B 373 3.73 -0.63 -13.32
C PRO B 373 4.37 -2.02 -13.38
N GLY B 374 5.57 -2.17 -12.83
CA GLY B 374 6.26 -3.51 -12.72
C GLY B 374 6.62 -3.72 -11.22
N VAL B 375 6.48 -4.96 -10.71
CA VAL B 375 6.65 -5.20 -9.29
C VAL B 375 7.54 -6.45 -9.20
N VAL B 376 8.47 -6.41 -8.26
CA VAL B 376 9.34 -7.53 -7.93
C VAL B 376 9.01 -7.85 -6.45
N TYR B 377 8.54 -9.06 -6.19
CA TYR B 377 8.02 -9.38 -4.85
C TYR B 377 9.09 -9.97 -3.94
N THR B 378 10.27 -9.41 -3.97
CA THR B 378 11.30 -9.70 -2.98
C THR B 378 10.88 -8.95 -1.68
N GLN B 379 11.72 -9.06 -0.66
CA GLN B 379 11.73 -8.14 0.48
C GLN B 379 13.17 -7.64 0.54
N PRO B 380 13.36 -6.30 0.43
CA PRO B 380 12.32 -5.35 0.17
C PRO B 380 11.68 -5.53 -1.20
N GLU B 381 10.39 -5.19 -1.27
CA GLU B 381 9.67 -5.14 -2.59
C GLU B 381 10.08 -3.99 -3.46
N VAL B 382 10.02 -4.17 -4.80
CA VAL B 382 10.49 -3.14 -5.72
C VAL B 382 9.36 -2.88 -6.65
N ALA B 383 9.10 -1.63 -6.97
CA ALA B 383 8.01 -1.30 -7.97
C ALA B 383 8.38 -0.11 -8.74
N SER B 384 8.04 -0.13 -10.04
CA SER B 384 8.41 0.97 -10.92
C SER B 384 7.28 1.32 -11.83
N VAL B 385 7.16 2.58 -12.22
CA VAL B 385 6.21 2.90 -13.31
C VAL B 385 6.82 4.01 -14.15
N GLY B 386 6.61 4.01 -15.47
CA GLY B 386 7.19 5.16 -16.24
C GLY B 386 8.68 4.86 -16.55
N LYS B 387 9.46 5.91 -16.81
CA LYS B 387 10.84 5.81 -17.29
C LYS B 387 11.85 5.64 -16.14
N THR B 388 12.92 4.91 -16.42
CA THR B 388 14.08 4.76 -15.53
C THR B 388 15.06 5.86 -15.83
N GLU B 389 15.95 6.10 -14.90
CA GLU B 389 16.93 7.14 -15.17
C GLU B 389 17.75 6.81 -16.42
N GLU B 390 18.05 5.53 -16.61
CA GLU B 390 18.88 5.15 -17.81
C GLU B 390 18.13 5.50 -19.08
N GLU B 391 16.81 5.29 -19.10
CA GLU B 391 15.99 5.71 -20.24
C GLU B 391 16.00 7.15 -20.49
N LEU B 392 15.82 7.96 -19.45
CA LEU B 392 15.84 9.41 -19.65
C LEU B 392 17.21 9.87 -20.19
N LYS B 393 18.26 9.26 -19.68
CA LYS B 393 19.65 9.73 -20.04
C LYS B 393 19.89 9.43 -21.56
N ALA B 394 19.56 8.19 -21.96
CA ALA B 394 19.60 7.72 -23.37
C ALA B 394 18.76 8.53 -24.34
N ALA B 395 17.67 9.11 -23.86
CA ALA B 395 16.78 9.92 -24.66
C ALA B 395 17.20 11.36 -24.58
N GLY B 396 18.23 11.68 -23.80
CA GLY B 396 18.75 13.04 -23.69
C GLY B 396 17.81 13.97 -22.97
N VAL B 397 16.90 13.46 -22.13
CA VAL B 397 15.90 14.36 -21.49
C VAL B 397 16.44 14.93 -20.15
N ALA B 398 16.36 16.26 -19.95
CA ALA B 398 16.85 16.88 -18.71
C ALA B 398 15.76 16.61 -17.65
N TYR B 399 16.15 16.07 -16.52
CA TYR B 399 15.14 15.73 -15.53
C TYR B 399 15.66 16.07 -14.14
N LYS B 400 14.74 16.08 -13.19
CA LYS B 400 15.02 16.36 -11.79
C LYS B 400 14.71 15.08 -11.04
N ILE B 401 15.39 14.87 -9.93
CA ILE B 401 15.20 13.67 -9.09
C ILE B 401 14.79 14.10 -7.70
N GLY B 402 13.72 13.51 -7.15
CA GLY B 402 13.50 13.67 -5.70
C GLY B 402 13.53 12.30 -5.04
N LYS B 403 14.15 12.15 -3.88
CA LYS B 403 14.20 10.82 -3.25
C LYS B 403 13.90 10.96 -1.77
N PHE B 404 13.17 10.05 -1.16
CA PHE B 404 12.89 10.18 0.24
C PHE B 404 13.04 8.77 0.85
N PRO B 405 13.85 8.63 1.91
CA PRO B 405 14.08 7.28 2.47
C PRO B 405 13.06 6.85 3.53
N PHE B 406 12.77 5.54 3.60
CA PHE B 406 11.85 5.05 4.66
C PHE B 406 12.39 5.15 6.06
N THR B 407 13.71 5.38 6.22
CA THR B 407 14.23 5.66 7.57
C THR B 407 13.66 6.95 8.14
N ALA B 408 13.18 7.85 7.28
CA ALA B 408 12.62 9.15 7.71
C ALA B 408 11.06 9.12 7.74
N ASN B 409 10.46 7.93 7.64
CA ASN B 409 8.99 7.86 7.62
C ASN B 409 8.47 7.28 8.91
N GLY B 410 7.45 7.94 9.52
CA GLY B 410 7.01 7.44 10.86
C GLY B 410 6.40 6.03 10.91
N ARG B 411 5.59 5.71 9.88
CA ARG B 411 4.96 4.43 9.83
C ARG B 411 6.00 3.37 9.62
N ALA B 412 6.96 3.61 8.72
CA ALA B 412 8.02 2.63 8.49
C ALA B 412 8.82 2.28 9.77
N ARG B 413 9.16 3.31 10.56
CA ARG B 413 9.78 3.16 11.89
C ARG B 413 8.92 2.34 12.85
N ALA B 414 7.62 2.67 12.97
CA ALA B 414 6.69 1.91 13.81
C ALA B 414 6.64 0.43 13.45
N LEU B 416 9.12 -1.30 11.90
CA LEU B 416 10.52 -1.80 11.69
C LEU B 416 10.69 -2.20 10.20
N GLN B 417 10.18 -1.36 9.28
CA GLN B 417 10.27 -1.70 7.80
C GLN B 417 10.90 -0.46 7.18
N THR B 418 12.11 -0.09 7.64
CA THR B 418 12.68 1.21 7.22
C THR B 418 13.64 1.16 5.96
N ASP B 419 13.88 -0.02 5.40
CA ASP B 419 14.82 -0.12 4.23
C ASP B 419 14.22 0.58 3.01
N GLY B 420 15.05 1.17 2.17
CA GLY B 420 14.62 1.65 0.84
C GLY B 420 14.08 3.05 0.81
N PHE B 421 13.48 3.42 -0.32
CA PHE B 421 13.19 4.79 -0.57
C PHE B 421 12.13 4.88 -1.66
N VAL B 422 11.65 6.09 -1.91
CA VAL B 422 10.89 6.39 -3.11
C VAL B 422 11.72 7.35 -3.93
N LYS B 423 11.68 7.24 -5.26
CA LYS B 423 12.39 8.19 -6.09
C LYS B 423 11.41 8.63 -7.17
N ILE B 424 11.25 9.92 -7.39
CA ILE B 424 10.43 10.46 -8.42
C ILE B 424 11.33 11.20 -9.44
N LEU B 425 11.07 11.00 -10.73
CA LEU B 425 11.81 11.67 -11.81
C LEU B 425 10.80 12.53 -12.53
N ALA B 426 11.17 13.79 -12.81
CA ALA B 426 10.24 14.76 -13.40
C ALA B 426 10.99 15.60 -14.43
N ASP B 427 10.26 15.98 -15.46
CA ASP B 427 10.84 16.88 -16.48
C ASP B 427 11.42 18.19 -15.90
N LYS B 428 12.62 18.57 -16.35
CA LYS B 428 13.31 19.73 -15.79
C LYS B 428 12.52 21.02 -15.99
N GLU B 429 11.88 21.17 -17.13
CA GLU B 429 11.14 22.40 -17.42
C GLU B 429 9.68 22.39 -16.97
N THR B 430 8.98 21.27 -17.16
CA THR B 430 7.53 21.34 -16.88
C THR B 430 7.18 20.74 -15.55
N ASP B 431 8.12 20.05 -14.89
CA ASP B 431 7.85 19.27 -13.63
C ASP B 431 6.90 18.06 -13.83
N ARG B 432 6.62 17.69 -15.09
CA ARG B 432 5.75 16.52 -15.36
C ARG B 432 6.43 15.28 -14.86
N VAL B 433 5.72 14.42 -14.11
CA VAL B 433 6.38 13.22 -13.58
C VAL B 433 6.64 12.26 -14.74
N LEU B 434 7.90 11.80 -14.87
CA LEU B 434 8.27 10.92 -15.98
C LEU B 434 8.37 9.50 -15.55
N GLY B 435 8.64 9.26 -14.25
CA GLY B 435 8.80 7.88 -13.73
C GLY B 435 8.78 7.95 -12.20
N GLY B 436 8.46 6.81 -11.57
CA GLY B 436 8.56 6.68 -10.11
C GLY B 436 9.00 5.26 -9.79
N HIS B 437 9.76 5.10 -8.69
CA HIS B 437 10.46 3.87 -8.35
C HIS B 437 10.50 3.79 -6.89
N ILE B 438 10.05 2.66 -6.35
CA ILE B 438 9.95 2.50 -4.92
C ILE B 438 10.64 1.19 -4.54
N ILE B 439 11.48 1.21 -3.50
CA ILE B 439 11.99 -0.03 -2.96
C ILE B 439 11.65 0.05 -1.42
N GLY B 440 10.95 -0.95 -0.94
CA GLY B 440 10.50 -1.00 0.46
C GLY B 440 9.17 -1.72 0.60
N PHE B 441 8.74 -1.80 1.85
CA PHE B 441 7.55 -2.64 2.15
C PHE B 441 6.28 -2.07 1.50
N GLY B 442 5.50 -2.92 0.84
CA GLY B 442 4.27 -2.45 0.18
C GLY B 442 4.50 -1.58 -1.09
N ALA B 443 5.70 -1.62 -1.68
CA ALA B 443 6.05 -0.81 -2.90
C ALA B 443 5.10 -1.13 -4.01
N GLY B 444 4.64 -2.38 -4.14
CA GLY B 444 3.80 -2.71 -5.35
C GLY B 444 2.39 -2.17 -5.11
N GLU B 445 2.02 -1.80 -3.87
CA GLU B 445 0.75 -1.16 -3.71
C GLU B 445 0.86 0.32 -3.92
N ILE B 447 2.86 2.06 -5.62
CA ILE B 447 3.24 2.55 -6.96
C ILE B 447 2.00 3.08 -7.68
N HIS B 448 0.80 2.61 -7.27
CA HIS B 448 -0.40 2.99 -7.98
C HIS B 448 -0.78 4.42 -7.87
N GLU B 449 -0.48 5.11 -6.74
CA GLU B 449 -0.84 6.52 -6.77
C GLU B 449 0.07 7.29 -7.79
N ILE B 450 1.31 6.82 -8.04
CA ILE B 450 2.17 7.46 -9.06
C ILE B 450 1.61 7.09 -10.45
N ALA B 451 1.16 5.84 -10.62
CA ALA B 451 0.49 5.44 -11.91
C ALA B 451 -0.71 6.29 -12.24
N VAL B 452 -1.57 6.48 -11.26
CA VAL B 452 -2.72 7.43 -11.43
C VAL B 452 -2.27 8.86 -11.78
N LEU B 453 -1.29 9.36 -11.05
CA LEU B 453 -0.82 10.67 -11.32
C LEU B 453 -0.34 10.76 -12.80
N GLU B 455 -1.10 8.82 -15.34
CA GLU B 455 -2.24 8.64 -16.27
C GLU B 455 -2.88 10.02 -16.64
N PHE B 456 -2.93 10.96 -15.69
CA PHE B 456 -3.45 12.28 -15.89
C PHE B 456 -2.37 13.24 -16.33
N GLY B 457 -1.11 12.76 -16.50
CA GLY B 457 -0.06 13.70 -16.98
C GLY B 457 0.36 14.69 -15.90
N GLY B 458 0.30 14.30 -14.62
CA GLY B 458 0.47 15.27 -13.48
C GLY B 458 1.90 15.65 -13.26
N SER B 459 2.10 16.70 -12.52
CA SER B 459 3.42 17.13 -12.15
C SER B 459 3.82 16.64 -10.72
N SER B 460 5.10 16.75 -10.37
CA SER B 460 5.51 16.37 -9.02
C SER B 460 4.89 17.30 -8.01
N GLU B 461 4.70 18.56 -8.39
CA GLU B 461 4.00 19.46 -7.47
C GLU B 461 2.56 19.00 -7.22
N ASP B 462 1.84 18.58 -8.25
CA ASP B 462 0.49 18.03 -8.11
C ASP B 462 0.50 16.89 -7.08
N LEU B 463 1.50 16.00 -7.21
CA LEU B 463 1.48 14.80 -6.37
C LEU B 463 1.87 15.23 -4.93
N GLY B 464 2.89 16.06 -4.82
CA GLY B 464 3.41 16.47 -3.50
C GLY B 464 2.43 17.35 -2.72
N ARG B 465 1.51 17.97 -3.41
CA ARG B 465 0.51 18.81 -2.69
C ARG B 465 -0.78 18.05 -2.44
N THR B 466 -0.89 16.82 -2.89
CA THR B 466 -2.06 16.00 -2.52
C THR B 466 -1.91 15.63 -1.05
N CYS B 467 -3.03 15.69 -0.33
CA CYS B 467 -2.96 15.40 1.11
C CYS B 467 -2.74 13.91 1.31
N HIS B 468 -1.67 13.51 2.02
CA HIS B 468 -1.51 12.06 2.33
C HIS B 468 -1.65 11.83 3.83
N ALA B 469 -2.34 10.76 4.18
CA ALA B 469 -2.58 10.48 5.60
C ALA B 469 -1.30 10.27 6.38
N HIS B 470 -1.26 10.80 7.62
CA HIS B 470 -0.12 10.63 8.51
C HIS B 470 -0.55 9.73 9.64
N PRO B 471 0.27 8.73 10.00
CA PRO B 471 1.50 8.22 9.42
C PRO B 471 1.16 7.09 8.39
N THR B 472 1.64 7.21 7.17
CA THR B 472 1.53 6.07 6.20
C THR B 472 2.85 6.01 5.49
N SER B 474 2.99 5.79 2.48
CA SER B 474 2.74 6.59 1.24
C SER B 474 3.20 8.06 1.39
N GLU B 475 3.31 8.57 2.61
CA GLU B 475 3.87 9.91 2.76
C GLU B 475 5.26 10.06 2.16
N ALA B 476 6.00 8.96 2.06
CA ALA B 476 7.32 9.05 1.36
C ALA B 476 7.19 9.36 -0.09
N VAL B 477 6.07 8.95 -0.69
CA VAL B 477 5.82 9.33 -2.11
C VAL B 477 5.57 10.84 -2.22
N LYS B 478 4.75 11.35 -1.33
CA LYS B 478 4.47 12.80 -1.29
C LYS B 478 5.76 13.59 -1.09
N GLU B 479 6.60 13.16 -0.12
CA GLU B 479 7.85 13.88 0.18
C GLU B 479 8.88 13.76 -0.94
N ALA B 480 8.97 12.59 -1.54
CA ALA B 480 9.86 12.43 -2.72
C ALA B 480 9.39 13.38 -3.85
N ALA B 481 8.06 13.56 -4.06
CA ALA B 481 7.50 14.48 -5.08
C ALA B 481 7.81 15.93 -4.74
N LEU B 482 7.68 16.25 -3.46
CA LEU B 482 7.98 17.64 -3.01
C LEU B 482 9.46 17.94 -3.21
N SER B 483 10.31 16.93 -3.02
CA SER B 483 11.77 17.16 -3.15
C SER B 483 12.14 17.38 -4.64
N THR B 484 11.33 16.82 -5.55
CA THR B 484 11.47 16.90 -7.01
C THR B 484 11.12 18.26 -7.43
N PHE B 485 10.07 18.80 -6.82
CA PHE B 485 9.54 20.08 -7.17
C PHE B 485 10.32 21.21 -6.52
N PHE B 486 10.74 21.06 -5.26
CA PHE B 486 11.27 22.21 -4.47
C PHE B 486 12.21 21.62 -3.47
N LYS B 487 11.63 21.32 -2.31
CA LYS B 487 12.32 20.68 -1.16
C LYS B 487 11.32 19.81 -0.30
N PRO B 488 11.82 18.74 0.32
CA PRO B 488 10.83 18.00 1.11
C PRO B 488 10.64 18.74 2.45
N ILE B 489 9.61 18.38 3.20
CA ILE B 489 9.49 18.99 4.54
C ILE B 489 10.30 18.19 5.55
N HIS B 490 10.27 16.84 5.43
CA HIS B 490 10.90 16.03 6.43
C HIS B 490 12.32 15.65 6.03
#